data_5JK8
#
_entry.id   5JK8
#
_cell.length_a   71.516
_cell.length_b   85.668
_cell.length_c   73.482
_cell.angle_alpha   90.00
_cell.angle_beta   110.08
_cell.angle_gamma   90.00
#
_symmetry.space_group_name_H-M   'P 1 21 1'
#
loop_
_entity.id
_entity.type
_entity.pdbx_description
1 polymer Phenylalanine-4-hydroxylase
2 non-polymer "PIPERAZINE-N,N'-BIS(2-ETHANESULFONIC ACID)"
3 non-polymer 7,8-DIHYDROBIOPTERIN
4 non-polymer 'FE (III) ION'
5 non-polymer NORLEUCINE
6 water water
#
_entity_poly.entity_id   1
_entity_poly.type   'polypeptide(L)'
_entity_poly.pdbx_seq_one_letter_code
;MGSSHHHHHHSSGLVPRGSHMASMESNTNSQGQGIIPQSYHSSIFFSISKGSDKIGGLLEYLEIIKKHNINITRIESRPS
KTEKKDYDFFLDLEYPTENNKEVEKVIKDLEEKGVKATTLQESSNQTYAPWFPRKISDLDLFANKVLEMGSDLTSDHPGA
SDPVYRERRREIAKIASTYKHGDEIPRIDYTEEEIKTWGVVYNRLKELFPTNACHQHAYIFPLLEQNCGYSPDNIPQLQD
ISNFLQECTGWRIRPVQGLLSARDFLNGLAFRVFHATQYIRHPSVPLYTPEPDCCHELLGHVPLLADPDFADFSQEIGLA
SIGASDEDIQLLSTCYWFTVEFGLCKEGDTIRAYGAGILSSTGEMEHFLTDKAKKLPFNPFDACNTEYPITTFQPLYYVA
ESFQKAKEQMRQFADSFKKPFSIRYNPYTQSIEILDNK
;
_entity_poly.pdbx_strand_id   A,B
#
loop_
_chem_comp.id
_chem_comp.type
_chem_comp.name
_chem_comp.formula
FE non-polymer 'FE (III) ION' 'Fe 3'
HBI non-polymer 7,8-DIHYDROBIOPTERIN 'C9 H13 N5 O3'
PIN non-polymer 'PIPERAZINE-N,N'-BIS(2-ETHANESULFONIC ACID)' 'C8 H18 N2 O6 S2'
#
# COMPACT_ATOMS: atom_id res chain seq x y z
N GLN A 38 6.38 -29.30 -6.53
CA GLN A 38 6.54 -28.89 -5.14
C GLN A 38 7.99 -28.57 -4.81
N SER A 39 8.20 -27.33 -4.38
CA SER A 39 9.50 -26.87 -3.91
C SER A 39 9.40 -26.42 -2.46
N TYR A 40 10.51 -26.47 -1.74
CA TYR A 40 10.51 -26.11 -0.33
C TYR A 40 11.34 -24.86 -0.13
N HIS A 41 10.75 -23.87 0.52
CA HIS A 41 11.41 -22.58 0.66
C HIS A 41 12.17 -22.51 1.95
N SER A 42 13.38 -21.97 1.87
CA SER A 42 14.09 -21.58 3.08
C SER A 42 14.41 -20.10 2.98
N SER A 43 14.73 -19.53 4.15
CA SER A 43 15.12 -18.14 4.26
C SER A 43 16.13 -17.98 5.37
N ILE A 44 17.22 -17.28 5.04
CA ILE A 44 18.29 -17.03 6.01
C ILE A 44 18.36 -15.54 6.32
N PHE A 45 18.45 -15.21 7.61
CA PHE A 45 18.43 -13.83 8.08
C PHE A 45 19.66 -13.55 8.94
N PHE A 46 20.19 -12.34 8.82
CA PHE A 46 21.23 -11.88 9.73
C PHE A 46 21.43 -10.38 9.58
N SER A 47 22.21 -9.81 10.50
CA SER A 47 22.45 -8.38 10.54
C SER A 47 23.91 -8.07 10.70
N ILE A 48 24.28 -6.85 10.34
CA ILE A 48 25.66 -6.42 10.43
C ILE A 48 25.62 -4.91 10.54
N SER A 49 26.58 -4.35 11.29
CA SER A 49 26.62 -2.91 11.52
C SER A 49 27.33 -2.18 10.40
N LYS A 50 26.84 -0.99 10.06
CA LYS A 50 27.55 -0.10 9.14
C LYS A 50 28.96 0.11 9.66
N GLY A 51 29.96 -0.07 8.81
CA GLY A 51 31.32 0.16 9.22
C GLY A 51 31.96 -1.06 9.85
N SER A 52 31.30 -2.21 9.70
CA SER A 52 31.96 -3.48 9.99
C SER A 52 32.95 -3.74 8.85
N ASP A 53 34.20 -4.06 9.16
CA ASP A 53 35.13 -4.39 8.07
C ASP A 53 34.86 -5.80 7.56
N LYS A 54 33.83 -6.45 8.10
CA LYS A 54 33.39 -7.74 7.61
C LYS A 54 32.61 -7.61 6.30
N ILE A 55 32.10 -6.42 6.00
CA ILE A 55 31.07 -6.23 4.96
C ILE A 55 31.58 -6.52 3.55
N GLY A 56 32.77 -6.02 3.25
CA GLY A 56 33.35 -6.23 1.94
C GLY A 56 33.48 -7.70 1.61
N GLY A 57 33.95 -8.47 2.60
CA GLY A 57 34.18 -9.90 2.44
C GLY A 57 32.85 -10.62 2.39
N LEU A 58 31.86 -10.05 3.06
CA LEU A 58 30.53 -10.64 3.11
C LEU A 58 29.86 -10.44 1.75
N LEU A 59 30.00 -9.26 1.16
CA LEU A 59 29.49 -9.01 -0.20
C LEU A 59 30.13 -9.96 -1.23
N GLU A 60 31.42 -10.16 -1.12
CA GLU A 60 32.10 -11.07 -2.02
C GLU A 60 31.52 -12.48 -1.93
N TYR A 61 31.33 -12.98 -0.71
CA TYR A 61 30.74 -14.29 -0.54
C TYR A 61 29.34 -14.34 -1.15
N LEU A 62 28.57 -13.27 -0.98
CA LEU A 62 27.20 -13.21 -1.48
C LEU A 62 27.17 -13.23 -3.01
N GLU A 63 28.03 -12.44 -3.65
CA GLU A 63 28.13 -12.45 -5.11
C GLU A 63 28.44 -13.84 -5.61
N ILE A 64 29.33 -14.55 -4.91
CA ILE A 64 29.74 -15.88 -5.34
C ILE A 64 28.59 -16.90 -5.30
N ILE A 65 27.83 -16.92 -4.21
CA ILE A 65 26.76 -17.90 -4.10
C ILE A 65 25.60 -17.55 -5.05
N LYS A 66 25.36 -16.25 -5.20
CA LYS A 66 24.35 -15.71 -6.10
C LYS A 66 24.57 -16.20 -7.54
N LYS A 67 25.81 -16.48 -7.91
CA LYS A 67 26.16 -16.96 -9.24
C LYS A 67 26.29 -18.47 -9.32
N HIS A 68 26.75 -19.10 -8.23
CA HIS A 68 27.09 -20.51 -8.29
C HIS A 68 26.15 -21.45 -7.50
N ASN A 69 25.19 -20.88 -6.78
CA ASN A 69 24.20 -21.68 -6.05
C ASN A 69 22.84 -21.63 -6.74
N ILE A 70 22.45 -22.78 -7.26
CA ILE A 70 21.25 -22.95 -8.06
C ILE A 70 20.02 -22.60 -7.27
N ASN A 71 20.09 -22.90 -5.98
CA ASN A 71 18.94 -22.79 -5.10
C ASN A 71 18.73 -21.42 -4.49
N ILE A 72 19.69 -20.52 -4.67
CA ILE A 72 19.49 -19.14 -4.24
C ILE A 72 18.55 -18.41 -5.18
N THR A 73 17.43 -17.91 -4.68
CA THR A 73 16.49 -17.19 -5.55
C THR A 73 16.58 -15.66 -5.39
N ARG A 74 17.09 -15.21 -4.26
CA ARG A 74 17.07 -13.79 -3.94
C ARG A 74 18.00 -13.44 -2.78
N ILE A 75 18.78 -12.38 -2.97
CA ILE A 75 19.60 -11.84 -1.90
C ILE A 75 19.30 -10.36 -1.84
N GLU A 76 18.92 -9.89 -0.67
CA GLU A 76 18.55 -8.50 -0.48
C GLU A 76 19.09 -7.96 0.85
N SER A 77 19.44 -6.67 0.86
CA SER A 77 19.75 -5.98 2.12
C SER A 77 18.89 -4.72 2.28
N ARG A 78 18.59 -4.40 3.53
CA ARG A 78 17.62 -3.34 3.85
C ARG A 78 18.05 -2.70 5.15
N PRO A 79 17.63 -1.44 5.37
CA PRO A 79 17.85 -0.85 6.69
C PRO A 79 17.22 -1.70 7.76
N SER A 80 17.96 -1.94 8.84
CA SER A 80 17.40 -2.72 9.93
C SER A 80 16.23 -1.98 10.55
N LYS A 81 15.26 -2.73 11.06
CA LYS A 81 14.07 -2.07 11.57
C LYS A 81 14.08 -2.02 13.10
N THR A 82 15.16 -2.50 13.72
CA THR A 82 15.23 -2.56 15.18
C THR A 82 16.44 -1.81 15.75
N GLU A 83 17.55 -1.80 15.01
CA GLU A 83 18.73 -1.04 15.42
C GLU A 83 19.17 -0.06 14.32
N LYS A 84 19.15 1.24 14.64
CA LYS A 84 19.38 2.29 13.65
C LYS A 84 20.64 2.11 12.81
N LYS A 85 21.67 1.52 13.40
CA LYS A 85 22.98 1.44 12.78
C LYS A 85 23.19 0.15 11.97
N ASP A 86 22.23 -0.75 12.01
CA ASP A 86 22.42 -2.06 11.39
C ASP A 86 21.81 -2.13 9.99
N TYR A 87 22.42 -3.00 9.17
CA TYR A 87 21.81 -3.48 7.93
C TYR A 87 21.18 -4.85 8.16
N ASP A 88 20.03 -5.10 7.56
CA ASP A 88 19.47 -6.45 7.57
C ASP A 88 19.70 -7.15 6.22
N PHE A 89 20.05 -8.43 6.26
CA PHE A 89 20.28 -9.21 5.03
C PHE A 89 19.30 -10.38 4.90
N PHE A 90 18.74 -10.54 3.70
CA PHE A 90 17.80 -11.65 3.41
C PHE A 90 18.25 -12.53 2.27
N LEU A 91 18.45 -13.80 2.57
CA LEU A 91 18.69 -14.76 1.53
C LEU A 91 17.47 -15.66 1.39
N ASP A 92 16.98 -15.84 0.16
CA ASP A 92 15.88 -16.76 -0.09
C ASP A 92 16.31 -17.91 -0.98
N LEU A 93 16.08 -19.13 -0.51
CA LEU A 93 16.42 -20.34 -1.27
C LEU A 93 15.20 -21.18 -1.60
N GLU A 94 15.29 -21.89 -2.74
CA GLU A 94 14.30 -22.91 -3.08
C GLU A 94 14.99 -24.25 -3.27
N TYR A 95 14.55 -25.26 -2.54
CA TYR A 95 15.06 -26.62 -2.72
C TYR A 95 13.92 -27.56 -3.13
N PRO A 96 14.24 -28.57 -3.96
CA PRO A 96 13.21 -29.45 -4.50
C PRO A 96 12.84 -30.54 -3.51
N THR A 97 13.70 -30.73 -2.51
CA THR A 97 13.48 -31.72 -1.47
C THR A 97 13.37 -31.07 -0.11
N GLU A 98 12.52 -31.64 0.74
CA GLU A 98 12.39 -31.18 2.10
C GLU A 98 13.68 -31.46 2.86
N ASN A 99 14.08 -30.51 3.71
CA ASN A 99 15.33 -30.61 4.46
C ASN A 99 16.52 -30.97 3.59
N ASN A 100 17.12 -29.97 2.98
CA ASN A 100 18.31 -30.21 2.18
C ASN A 100 19.55 -29.74 2.94
N LYS A 101 20.54 -30.61 3.04
CA LYS A 101 21.76 -30.34 3.78
C LYS A 101 22.41 -29.02 3.34
N GLU A 102 22.20 -28.64 2.08
CA GLU A 102 22.82 -27.46 1.50
C GLU A 102 22.60 -26.18 2.33
N VAL A 103 21.47 -26.08 3.03
CA VAL A 103 21.22 -24.92 3.88
C VAL A 103 22.24 -24.90 5.01
N GLU A 104 22.57 -26.07 5.56
CA GLU A 104 23.64 -26.13 6.56
C GLU A 104 24.96 -25.57 6.01
N LYS A 105 25.28 -25.92 4.78
CA LYS A 105 26.53 -25.46 4.18
C LYS A 105 26.54 -23.95 4.02
N VAL A 106 25.42 -23.37 3.61
CA VAL A 106 25.30 -21.91 3.48
C VAL A 106 25.46 -21.23 4.85
N ILE A 107 24.85 -21.82 5.87
CA ILE A 107 24.94 -21.32 7.23
C ILE A 107 26.38 -21.34 7.73
N LYS A 108 27.04 -22.48 7.58
CA LYS A 108 28.43 -22.62 8.01
C LYS A 108 29.32 -21.58 7.32
N ASP A 109 29.13 -21.41 6.01
CA ASP A 109 29.96 -20.49 5.23
C ASP A 109 29.76 -19.03 5.67
N LEU A 110 28.52 -18.67 5.96
CA LEU A 110 28.23 -17.33 6.48
C LEU A 110 28.88 -17.11 7.83
N GLU A 111 28.64 -18.05 8.75
CA GLU A 111 29.07 -17.89 10.13
C GLU A 111 30.56 -18.16 10.26
N GLU A 112 31.31 -17.46 9.42
CA GLU A 112 32.69 -17.73 9.16
C GLU A 112 33.20 -16.54 8.35
N LYS A 113 32.25 -15.79 7.81
CA LYS A 113 32.51 -14.43 7.38
C LYS A 113 32.23 -13.51 8.59
N GLY A 114 31.92 -14.15 9.72
CA GLY A 114 31.72 -13.45 10.98
C GLY A 114 30.30 -12.97 11.20
N VAL A 115 29.34 -13.80 10.83
CA VAL A 115 27.94 -13.38 10.81
C VAL A 115 27.03 -14.39 11.52
N LYS A 116 26.04 -13.91 12.27
CA LYS A 116 25.14 -14.81 12.98
C LYS A 116 23.81 -14.97 12.25
N ALA A 117 23.58 -16.16 11.68
CA ALA A 117 22.49 -16.40 10.74
C ALA A 117 21.29 -17.14 11.34
N THR A 118 20.10 -16.64 11.03
CA THR A 118 18.87 -17.30 11.44
C THR A 118 18.16 -17.88 10.21
N THR A 119 17.72 -19.13 10.32
CA THR A 119 17.16 -19.87 9.21
C THR A 119 15.71 -20.27 9.42
N LEU A 120 14.87 -19.93 8.45
CA LEU A 120 13.47 -20.30 8.42
C LEU A 120 13.21 -21.25 7.27
N GLN A 121 12.41 -22.30 7.49
CA GLN A 121 12.28 -23.33 6.46
C GLN A 121 10.86 -23.90 6.36
N GLU A 122 10.43 -24.23 5.14
CA GLU A 122 9.21 -24.99 4.96
C GLU A 122 9.51 -26.47 5.14
N SER A 123 9.01 -27.07 6.21
CA SER A 123 9.36 -28.43 6.54
C SER A 123 8.40 -29.06 7.54
N SER A 124 8.18 -30.36 7.41
CA SER A 124 7.35 -31.09 8.36
C SER A 124 8.18 -31.43 9.58
N ASN A 125 9.49 -31.22 9.44
CA ASN A 125 10.45 -31.40 10.51
C ASN A 125 10.58 -30.09 11.30
N GLN A 126 11.10 -30.18 12.52
CA GLN A 126 11.13 -29.02 13.42
C GLN A 126 12.55 -28.51 13.76
N THR A 127 13.54 -28.80 12.90
CA THR A 127 14.89 -28.27 13.09
C THR A 127 14.91 -26.74 13.00
N TYR A 128 14.22 -26.22 12.00
CA TYR A 128 14.08 -24.78 11.85
C TYR A 128 12.63 -24.35 12.07
N ALA A 129 12.49 -23.11 12.52
CA ALA A 129 11.21 -22.46 12.64
C ALA A 129 10.59 -22.34 11.26
N PRO A 130 9.27 -22.41 11.20
CA PRO A 130 8.55 -22.41 9.92
C PRO A 130 8.79 -21.16 9.08
N TRP A 131 9.01 -21.38 7.79
CA TRP A 131 9.12 -20.28 6.83
C TRP A 131 7.79 -19.53 6.63
N PHE A 132 7.85 -18.26 6.24
CA PHE A 132 6.68 -17.53 5.80
C PHE A 132 7.05 -16.52 4.68
N PRO A 133 6.06 -16.06 3.91
CA PRO A 133 6.33 -14.95 2.98
C PRO A 133 6.58 -13.63 3.73
N ARG A 134 7.44 -12.78 3.19
CA ARG A 134 7.95 -11.62 3.93
C ARG A 134 7.33 -10.34 3.38
N LYS A 135 7.14 -10.29 2.07
CA LYS A 135 6.48 -9.16 1.43
C LYS A 135 5.23 -9.61 0.66
N ILE A 136 4.34 -8.66 0.41
CA ILE A 136 3.04 -8.99 -0.13
C ILE A 136 3.17 -9.71 -1.47
N SER A 137 4.09 -9.29 -2.30
CA SER A 137 4.33 -9.97 -3.59
C SER A 137 4.86 -11.41 -3.40
N ASP A 138 5.33 -11.79 -2.21
CA ASP A 138 5.77 -13.18 -2.02
C ASP A 138 4.60 -14.16 -2.06
N LEU A 139 3.39 -13.65 -1.86
CA LEU A 139 2.20 -14.48 -1.99
C LEU A 139 2.11 -15.18 -3.36
N ASP A 140 2.83 -14.69 -4.37
CA ASP A 140 2.87 -15.36 -5.68
C ASP A 140 3.38 -16.79 -5.58
N LEU A 141 4.15 -17.09 -4.53
CA LEU A 141 4.74 -18.43 -4.36
C LEU A 141 3.66 -19.47 -4.05
N PHE A 142 2.48 -18.99 -3.65
CA PHE A 142 1.33 -19.86 -3.39
C PHE A 142 0.58 -20.23 -4.68
N ALA A 143 0.74 -19.44 -5.75
CA ALA A 143 -0.18 -19.48 -6.91
C ALA A 143 -0.30 -20.84 -7.59
N ASN A 144 0.64 -21.72 -7.29
CA ASN A 144 0.67 -23.07 -7.85
C ASN A 144 0.13 -24.13 -6.89
N LYS A 145 0.32 -23.91 -5.58
CA LYS A 145 -0.05 -24.89 -4.56
C LYS A 145 -1.54 -24.85 -4.19
N VAL A 146 -2.33 -25.71 -4.81
CA VAL A 146 -3.75 -25.79 -4.45
C VAL A 146 -4.14 -27.24 -4.14
N LEU A 147 -4.75 -27.44 -2.97
CA LEU A 147 -5.04 -28.77 -2.42
C LEU A 147 -6.28 -29.42 -3.03
N GLU A 148 -7.44 -28.78 -2.90
CA GLU A 148 -8.69 -29.33 -3.43
C GLU A 148 -9.38 -28.34 -4.37
N PRO A 158 -15.40 -34.30 -4.43
CA PRO A 158 -16.07 -34.77 -5.65
C PRO A 158 -17.19 -35.79 -5.38
N GLY A 159 -18.44 -35.40 -5.62
CA GLY A 159 -18.77 -34.06 -6.10
C GLY A 159 -19.80 -34.08 -7.21
N ALA A 160 -20.27 -32.89 -7.60
CA ALA A 160 -21.29 -32.76 -8.65
C ALA A 160 -20.68 -32.86 -10.05
N SER A 161 -20.61 -34.09 -10.56
CA SER A 161 -19.97 -34.39 -11.85
C SER A 161 -20.84 -34.05 -13.06
N ASP A 162 -20.69 -32.84 -13.59
CA ASP A 162 -21.43 -32.43 -14.78
C ASP A 162 -20.52 -31.91 -15.90
N PRO A 163 -19.76 -32.81 -16.54
CA PRO A 163 -18.76 -32.57 -17.59
C PRO A 163 -18.81 -31.26 -18.41
N VAL A 164 -19.87 -30.46 -18.28
CA VAL A 164 -19.96 -29.19 -19.02
C VAL A 164 -19.27 -28.01 -18.31
N TYR A 165 -19.27 -28.03 -16.97
CA TYR A 165 -18.64 -26.98 -16.16
C TYR A 165 -17.11 -27.06 -16.23
N ARG A 166 -16.62 -28.16 -16.77
CA ARG A 166 -15.21 -28.56 -16.65
C ARG A 166 -14.22 -27.61 -17.33
N GLU A 167 -14.53 -27.24 -18.58
CA GLU A 167 -13.66 -26.36 -19.35
C GLU A 167 -13.69 -24.94 -18.78
N ARG A 168 -14.80 -24.57 -18.15
CA ARG A 168 -14.89 -23.32 -17.41
C ARG A 168 -13.85 -23.31 -16.30
N ARG A 169 -13.99 -24.27 -15.38
CA ARG A 169 -13.10 -24.40 -14.23
C ARG A 169 -11.64 -24.28 -14.63
N ARG A 170 -11.25 -25.02 -15.67
CA ARG A 170 -9.89 -24.94 -16.20
C ARG A 170 -9.59 -23.53 -16.71
N GLU A 171 -10.49 -22.99 -17.52
CA GLU A 171 -10.35 -21.63 -18.02
C GLU A 171 -10.24 -20.68 -16.84
N ILE A 172 -11.24 -20.76 -15.96
CA ILE A 172 -11.26 -19.97 -14.73
C ILE A 172 -10.01 -20.20 -13.87
N ALA A 173 -9.62 -21.46 -13.65
CA ALA A 173 -8.51 -21.72 -12.73
C ALA A 173 -7.15 -21.36 -13.31
N LYS A 174 -7.00 -21.48 -14.63
CA LYS A 174 -5.72 -21.17 -15.26
C LYS A 174 -5.40 -19.70 -15.02
N ILE A 175 -6.45 -18.89 -15.13
CA ILE A 175 -6.42 -17.47 -14.79
C ILE A 175 -5.74 -17.15 -13.45
N ALA A 176 -5.96 -18.00 -12.46
CA ALA A 176 -5.44 -17.73 -11.12
C ALA A 176 -3.96 -18.12 -10.96
N SER A 177 -3.55 -19.17 -11.68
CA SER A 177 -2.17 -19.64 -11.56
C SER A 177 -1.27 -18.73 -12.39
N THR A 178 -1.87 -18.11 -13.41
CA THR A 178 -1.19 -17.08 -14.19
C THR A 178 -1.13 -15.72 -13.49
N TYR A 179 -2.11 -15.45 -12.62
CA TYR A 179 -2.14 -14.17 -11.91
C TYR A 179 -0.92 -13.99 -11.04
N LYS A 180 -0.34 -12.78 -11.07
CA LYS A 180 0.74 -12.39 -10.16
C LYS A 180 0.45 -11.02 -9.59
N HIS A 181 0.92 -10.79 -8.36
CA HIS A 181 0.77 -9.52 -7.67
C HIS A 181 1.10 -8.32 -8.56
N GLY A 182 0.22 -7.32 -8.57
CA GLY A 182 0.42 -6.14 -9.38
C GLY A 182 -0.44 -6.17 -10.63
N ASP A 183 -0.88 -7.36 -11.02
CA ASP A 183 -1.82 -7.49 -12.11
C ASP A 183 -3.19 -7.00 -11.70
N GLU A 184 -3.95 -6.57 -12.69
CA GLU A 184 -5.39 -6.43 -12.53
C GLU A 184 -5.94 -7.85 -12.59
N ILE A 185 -6.83 -8.18 -11.66
CA ILE A 185 -7.51 -9.47 -11.69
C ILE A 185 -8.35 -9.57 -12.96
N PRO A 186 -8.19 -10.66 -13.72
CA PRO A 186 -8.94 -10.72 -14.97
C PRO A 186 -10.44 -10.80 -14.71
N ARG A 187 -11.22 -10.26 -15.65
CA ARG A 187 -12.68 -10.31 -15.63
C ARG A 187 -13.19 -11.58 -16.29
N ILE A 188 -14.35 -12.06 -15.85
CA ILE A 188 -14.90 -13.31 -16.40
C ILE A 188 -16.28 -13.14 -17.02
N ASP A 189 -16.36 -13.35 -18.31
CA ASP A 189 -17.66 -13.40 -18.98
C ASP A 189 -18.47 -14.55 -18.45
N TYR A 190 -19.30 -14.31 -17.44
CA TYR A 190 -20.12 -15.40 -16.91
C TYR A 190 -21.26 -15.70 -17.85
N THR A 191 -21.76 -16.93 -17.79
CA THR A 191 -22.80 -17.40 -18.70
C THR A 191 -24.19 -17.09 -18.19
N GLU A 192 -25.19 -17.20 -19.05
CA GLU A 192 -26.59 -17.03 -18.66
C GLU A 192 -26.93 -17.94 -17.49
N GLU A 193 -26.53 -19.20 -17.61
CA GLU A 193 -26.74 -20.19 -16.57
C GLU A 193 -26.17 -19.77 -15.23
N GLU A 194 -24.90 -19.36 -15.24
CA GLU A 194 -24.21 -18.99 -14.02
C GLU A 194 -24.86 -17.77 -13.34
N ILE A 195 -25.00 -16.70 -14.11
CA ILE A 195 -25.69 -15.49 -13.65
C ILE A 195 -27.04 -15.82 -12.99
N LYS A 196 -27.75 -16.79 -13.56
CA LYS A 196 -29.05 -17.17 -12.99
C LYS A 196 -28.90 -17.96 -11.67
N THR A 197 -27.88 -18.81 -11.56
CA THR A 197 -27.57 -19.44 -10.27
C THR A 197 -27.32 -18.36 -9.22
N TRP A 198 -26.53 -17.36 -9.60
CA TRP A 198 -26.26 -16.21 -8.74
C TRP A 198 -27.56 -15.53 -8.32
N GLY A 199 -28.45 -15.33 -9.30
CA GLY A 199 -29.72 -14.68 -9.04
C GLY A 199 -30.56 -15.42 -8.01
N VAL A 200 -30.59 -16.74 -8.11
CA VAL A 200 -31.36 -17.54 -7.16
C VAL A 200 -30.80 -17.39 -5.74
N VAL A 201 -29.48 -17.51 -5.64
CA VAL A 201 -28.80 -17.45 -4.36
C VAL A 201 -28.89 -16.04 -3.76
N TYR A 202 -28.63 -15.03 -4.58
CA TYR A 202 -28.68 -13.62 -4.18
C TYR A 202 -30.05 -13.21 -3.63
N ASN A 203 -31.10 -13.53 -4.40
CA ASN A 203 -32.45 -13.11 -4.05
C ASN A 203 -32.98 -13.80 -2.80
N ARG A 204 -32.62 -15.07 -2.61
CA ARG A 204 -33.03 -15.82 -1.43
C ARG A 204 -32.34 -15.26 -0.19
N LEU A 205 -31.11 -14.77 -0.37
CA LEU A 205 -30.30 -14.32 0.74
C LEU A 205 -30.63 -12.90 1.18
N LYS A 206 -30.68 -11.98 0.23
CA LYS A 206 -30.89 -10.56 0.54
C LYS A 206 -32.15 -10.32 1.40
N GLU A 207 -33.12 -11.22 1.30
CA GLU A 207 -34.34 -11.13 2.09
C GLU A 207 -34.11 -11.33 3.59
N LEU A 208 -33.23 -12.25 3.95
CA LEU A 208 -33.00 -12.59 5.35
C LEU A 208 -31.99 -11.67 6.04
N PHE A 209 -31.16 -10.99 5.25
CA PHE A 209 -30.12 -10.11 5.78
C PHE A 209 -30.59 -9.11 6.85
N PRO A 210 -31.73 -8.43 6.64
CA PRO A 210 -32.14 -7.48 7.69
C PRO A 210 -32.42 -8.12 9.05
N THR A 211 -33.06 -9.28 9.07
CA THR A 211 -33.42 -9.94 10.31
C THR A 211 -32.35 -10.89 10.87
N ASN A 212 -31.41 -11.32 10.01
CA ASN A 212 -30.46 -12.36 10.39
C ASN A 212 -28.99 -11.93 10.38
N ALA A 213 -28.68 -10.89 9.63
CA ALA A 213 -27.30 -10.47 9.49
C ALA A 213 -26.92 -9.40 10.48
N CYS A 214 -25.72 -9.53 11.03
CA CYS A 214 -25.15 -8.50 11.89
C CYS A 214 -25.16 -7.16 11.15
N HIS A 215 -25.22 -6.07 11.90
CA HIS A 215 -25.49 -4.76 11.31
C HIS A 215 -24.37 -4.27 10.38
N GLN A 216 -23.14 -4.76 10.55
CA GLN A 216 -22.05 -4.32 9.64
C GLN A 216 -22.34 -4.78 8.22
N HIS A 217 -23.02 -5.92 8.08
CA HIS A 217 -23.33 -6.47 6.78
C HIS A 217 -24.36 -5.57 6.11
N ALA A 218 -25.43 -5.27 6.83
CA ALA A 218 -26.49 -4.43 6.28
C ALA A 218 -26.01 -2.99 6.03
N TYR A 219 -24.98 -2.57 6.76
CA TYR A 219 -24.44 -1.24 6.57
C TYR A 219 -23.63 -1.18 5.27
N ILE A 220 -22.85 -2.22 5.02
CA ILE A 220 -21.95 -2.22 3.88
C ILE A 220 -22.62 -2.64 2.58
N PHE A 221 -23.55 -3.58 2.66
CA PHE A 221 -24.15 -4.18 1.47
C PHE A 221 -24.72 -3.19 0.44
N PRO A 222 -25.39 -2.11 0.87
CA PRO A 222 -25.86 -1.20 -0.19
C PRO A 222 -24.73 -0.44 -0.89
N LEU A 223 -23.56 -0.35 -0.25
CA LEU A 223 -22.39 0.24 -0.90
C LEU A 223 -21.88 -0.70 -1.99
N LEU A 224 -22.06 -1.99 -1.80
CA LEU A 224 -21.63 -2.95 -2.81
C LEU A 224 -22.50 -2.84 -4.08
N GLU A 225 -23.79 -2.56 -3.88
CA GLU A 225 -24.71 -2.31 -4.97
C GLU A 225 -24.36 -1.01 -5.70
N GLN A 226 -24.19 0.07 -4.94
CA GLN A 226 -23.84 1.38 -5.49
C GLN A 226 -22.45 1.47 -6.13
N ASN A 227 -21.46 0.78 -5.56
CA ASN A 227 -20.10 0.91 -6.06
C ASN A 227 -19.48 -0.30 -6.76
N CYS A 228 -19.92 -1.51 -6.41
CA CYS A 228 -19.33 -2.72 -6.98
C CYS A 228 -20.26 -3.52 -7.90
N GLY A 229 -21.41 -2.96 -8.24
CA GLY A 229 -22.29 -3.61 -9.19
C GLY A 229 -23.03 -4.81 -8.64
N TYR A 230 -23.12 -4.91 -7.31
CA TYR A 230 -23.91 -5.98 -6.69
C TYR A 230 -25.39 -5.91 -7.09
N SER A 231 -25.90 -7.04 -7.56
CA SER A 231 -27.24 -7.13 -8.16
C SER A 231 -27.55 -8.57 -8.57
N PRO A 232 -28.81 -8.98 -8.50
CA PRO A 232 -29.19 -10.34 -8.91
C PRO A 232 -28.90 -10.62 -10.38
N ASP A 233 -28.76 -9.57 -11.17
CA ASP A 233 -28.70 -9.69 -12.62
C ASP A 233 -27.29 -9.65 -13.16
N ASN A 234 -26.31 -9.82 -12.27
CA ASN A 234 -24.91 -9.58 -12.61
C ASN A 234 -23.95 -10.06 -11.51
N ILE A 235 -22.99 -10.89 -11.91
CA ILE A 235 -21.93 -11.30 -11.01
C ILE A 235 -20.84 -10.24 -11.06
N PRO A 236 -20.48 -9.71 -9.89
CA PRO A 236 -19.43 -8.70 -9.71
C PRO A 236 -18.05 -9.27 -10.00
N GLN A 237 -17.17 -8.44 -10.57
CA GLN A 237 -15.82 -8.83 -10.91
C GLN A 237 -14.85 -8.50 -9.78
N LEU A 238 -13.91 -9.39 -9.55
CA LEU A 238 -13.03 -9.31 -8.40
C LEU A 238 -12.19 -8.03 -8.40
N GLN A 239 -11.79 -7.53 -9.56
CA GLN A 239 -11.00 -6.30 -9.60
C GLN A 239 -11.76 -5.12 -8.99
N ASP A 240 -13.03 -4.97 -9.36
CA ASP A 240 -13.89 -3.90 -8.82
C ASP A 240 -14.00 -4.00 -7.30
N ILE A 241 -14.22 -5.21 -6.81
CA ILE A 241 -14.35 -5.44 -5.38
C ILE A 241 -13.03 -5.18 -4.65
N SER A 242 -11.94 -5.64 -5.25
CA SER A 242 -10.62 -5.43 -4.64
C SER A 242 -10.37 -3.93 -4.48
N ASN A 243 -10.64 -3.16 -5.54
CA ASN A 243 -10.51 -1.70 -5.48
C ASN A 243 -11.36 -1.03 -4.41
N PHE A 244 -12.55 -1.56 -4.18
CA PHE A 244 -13.46 -0.98 -3.21
C PHE A 244 -12.93 -1.28 -1.81
N LEU A 245 -12.50 -2.50 -1.58
CA LEU A 245 -12.01 -2.91 -0.30
C LEU A 245 -10.71 -2.19 0.08
N GLN A 246 -9.82 -1.99 -0.90
CA GLN A 246 -8.54 -1.31 -0.63
C GLN A 246 -8.83 0.07 -0.07
N GLU A 247 -9.82 0.72 -0.64
CA GLU A 247 -10.13 2.07 -0.20
C GLU A 247 -10.89 2.09 1.13
N CYS A 248 -11.48 0.97 1.54
CA CYS A 248 -12.24 0.95 2.80
C CYS A 248 -11.34 0.58 3.96
N THR A 249 -10.55 -0.47 3.79
CA THR A 249 -9.81 -1.04 4.89
C THR A 249 -8.44 -1.48 4.46
N GLY A 250 -8.15 -1.34 3.18
CA GLY A 250 -6.85 -1.75 2.67
C GLY A 250 -6.76 -3.23 2.44
N TRP A 251 -7.90 -3.93 2.50
CA TRP A 251 -7.89 -5.34 2.13
C TRP A 251 -7.87 -5.44 0.61
N ARG A 252 -7.36 -6.54 0.07
CA ARG A 252 -7.46 -6.73 -1.38
C ARG A 252 -7.64 -8.21 -1.72
N ILE A 253 -7.93 -8.49 -2.98
CA ILE A 253 -8.30 -9.82 -3.36
C ILE A 253 -7.24 -10.38 -4.30
N ARG A 254 -7.00 -11.69 -4.19
CA ARG A 254 -6.26 -12.42 -5.21
C ARG A 254 -7.16 -13.54 -5.68
N PRO A 255 -7.20 -13.78 -6.99
CA PRO A 255 -7.96 -14.95 -7.41
C PRO A 255 -7.19 -16.17 -6.99
N VAL A 256 -7.90 -17.24 -6.65
CA VAL A 256 -7.21 -18.42 -6.23
C VAL A 256 -7.66 -19.57 -7.09
N GLN A 257 -6.76 -20.50 -7.38
CA GLN A 257 -7.15 -21.66 -8.16
C GLN A 257 -8.22 -22.45 -7.40
N GLY A 258 -7.90 -22.85 -6.17
CA GLY A 258 -8.84 -23.53 -5.30
C GLY A 258 -8.47 -23.38 -3.85
N LEU A 259 -8.45 -24.49 -3.11
CA LEU A 259 -8.05 -24.46 -1.71
C LEU A 259 -6.53 -24.46 -1.56
N LEU A 260 -6.03 -23.49 -0.83
CA LEU A 260 -4.64 -23.49 -0.38
C LEU A 260 -4.51 -24.33 0.86
N SER A 261 -3.27 -24.59 1.26
CA SER A 261 -3.04 -25.09 2.60
C SER A 261 -3.55 -24.05 3.59
N ALA A 262 -3.91 -24.52 4.78
CA ALA A 262 -4.28 -23.64 5.89
C ALA A 262 -3.22 -22.59 6.12
N ARG A 263 -1.97 -23.02 6.22
CA ARG A 263 -0.85 -22.11 6.44
C ARG A 263 -0.84 -21.02 5.40
N ASP A 264 -0.85 -21.40 4.13
CA ASP A 264 -0.76 -20.40 3.05
C ASP A 264 -1.93 -19.41 3.08
N PHE A 265 -3.14 -19.93 3.28
CA PHE A 265 -4.31 -19.08 3.25
C PHE A 265 -4.28 -18.09 4.41
N LEU A 266 -3.95 -18.58 5.61
CA LEU A 266 -3.90 -17.69 6.76
C LEU A 266 -2.73 -16.73 6.68
N ASN A 267 -1.59 -17.19 6.14
CA ASN A 267 -0.46 -16.29 5.94
C ASN A 267 -0.85 -15.09 5.06
N GLY A 268 -1.59 -15.33 3.98
CA GLY A 268 -2.16 -14.25 3.17
C GLY A 268 -2.95 -13.20 3.96
N LEU A 269 -3.78 -13.63 4.90
CA LEU A 269 -4.57 -12.69 5.71
C LEU A 269 -3.68 -11.69 6.45
N ALA A 270 -2.44 -12.08 6.75
CA ALA A 270 -1.54 -11.20 7.52
C ALA A 270 -1.16 -9.95 6.72
N PHE A 271 -1.32 -10.04 5.42
CA PHE A 271 -1.08 -8.92 4.51
C PHE A 271 -2.40 -8.22 4.12
N ARG A 272 -3.49 -8.50 4.85
CA ARG A 272 -4.85 -8.14 4.40
C ARG A 272 -5.06 -8.56 2.94
N VAL A 273 -4.73 -9.80 2.61
CA VAL A 273 -5.05 -10.31 1.29
C VAL A 273 -6.00 -11.49 1.41
N PHE A 274 -7.14 -11.38 0.73
CA PHE A 274 -8.11 -12.46 0.68
C PHE A 274 -8.03 -13.22 -0.63
N HIS A 275 -7.76 -14.51 -0.56
CA HIS A 275 -7.84 -15.38 -1.74
C HIS A 275 -9.28 -15.81 -2.07
N ALA A 276 -9.73 -15.51 -3.30
CA ALA A 276 -11.10 -15.84 -3.68
C ALA A 276 -11.21 -16.57 -5.01
N THR A 277 -12.21 -17.42 -5.09
CA THR A 277 -12.52 -18.18 -6.29
C THR A 277 -13.46 -17.43 -7.22
N GLN A 278 -13.42 -17.74 -8.51
CA GLN A 278 -14.28 -17.04 -9.48
C GLN A 278 -15.32 -17.96 -10.13
N TYR A 279 -15.31 -19.23 -9.78
CA TYR A 279 -16.33 -20.16 -10.28
C TYR A 279 -17.59 -20.10 -9.43
N ILE A 280 -18.71 -20.57 -9.97
CA ILE A 280 -19.97 -20.54 -9.24
C ILE A 280 -20.50 -21.96 -8.95
N ARG A 281 -21.23 -22.11 -7.85
CA ARG A 281 -21.80 -23.40 -7.45
C ARG A 281 -22.70 -23.98 -8.54
N HIS A 282 -22.83 -25.30 -8.59
CA HIS A 282 -23.65 -25.97 -9.61
C HIS A 282 -25.11 -25.55 -9.53
N PRO A 283 -25.74 -25.29 -10.70
CA PRO A 283 -27.13 -24.86 -10.89
C PRO A 283 -28.14 -25.22 -9.80
N SER A 284 -28.01 -26.38 -9.15
CA SER A 284 -29.06 -26.87 -8.29
C SER A 284 -28.70 -27.01 -6.81
N VAL A 285 -27.74 -26.21 -6.34
CA VAL A 285 -27.29 -26.35 -4.95
C VAL A 285 -27.44 -25.03 -4.15
N PRO A 286 -28.46 -24.22 -4.50
CA PRO A 286 -28.41 -22.79 -4.15
C PRO A 286 -28.39 -22.51 -2.65
N LEU A 287 -29.03 -23.37 -1.87
CA LEU A 287 -29.30 -23.09 -0.47
C LEU A 287 -28.16 -23.55 0.46
N TYR A 288 -27.30 -24.44 -0.05
CA TYR A 288 -26.10 -24.87 0.68
C TYR A 288 -25.17 -25.71 -0.21
N THR A 289 -23.95 -25.22 -0.44
CA THR A 289 -22.95 -25.93 -1.25
C THR A 289 -21.72 -26.28 -0.40
N PRO A 290 -20.92 -27.27 -0.83
CA PRO A 290 -19.64 -27.63 -0.18
C PRO A 290 -18.46 -26.71 -0.54
N GLU A 291 -18.16 -26.58 -1.84
CA GLU A 291 -17.07 -25.72 -2.31
C GLU A 291 -17.24 -24.26 -1.85
N PRO A 292 -16.19 -23.45 -1.98
CA PRO A 292 -16.40 -22.01 -1.83
C PRO A 292 -16.53 -21.32 -3.19
N ASP A 293 -17.74 -21.23 -3.70
CA ASP A 293 -17.94 -20.57 -4.99
C ASP A 293 -17.87 -19.05 -4.78
N CYS A 294 -17.91 -18.29 -5.87
CA CYS A 294 -17.83 -16.85 -5.75
C CYS A 294 -19.01 -16.27 -4.94
N CYS A 295 -20.15 -16.97 -4.95
CA CYS A 295 -21.33 -16.59 -4.17
C CYS A 295 -21.01 -16.54 -2.69
N HIS A 296 -20.32 -17.57 -2.21
CA HIS A 296 -19.85 -17.58 -0.85
C HIS A 296 -18.82 -16.47 -0.62
N GLU A 297 -17.88 -16.29 -1.56
CA GLU A 297 -16.86 -15.23 -1.41
C GLU A 297 -17.47 -13.82 -1.44
N LEU A 298 -18.29 -13.56 -2.46
CA LEU A 298 -18.80 -12.21 -2.70
C LEU A 298 -19.92 -11.79 -1.74
N LEU A 299 -20.76 -12.75 -1.35
CA LEU A 299 -21.89 -12.41 -0.50
C LEU A 299 -21.58 -12.67 0.97
N GLY A 300 -20.66 -13.61 1.21
CA GLY A 300 -20.31 -13.98 2.56
C GLY A 300 -19.09 -13.25 3.12
N HIS A 301 -18.01 -13.21 2.36
CA HIS A 301 -16.75 -12.74 2.90
C HIS A 301 -16.57 -11.24 2.68
N VAL A 302 -16.93 -10.75 1.51
CA VAL A 302 -16.58 -9.37 1.13
C VAL A 302 -17.21 -8.27 1.99
N PRO A 303 -18.50 -8.34 2.33
CA PRO A 303 -19.03 -7.18 3.05
C PRO A 303 -18.42 -6.96 4.45
N LEU A 304 -18.03 -8.00 5.17
CA LEU A 304 -17.44 -7.77 6.49
C LEU A 304 -16.02 -7.19 6.37
N LEU A 305 -15.32 -7.51 5.28
CA LEU A 305 -13.96 -7.01 5.11
C LEU A 305 -13.97 -5.49 4.86
N ALA A 306 -15.11 -4.91 4.55
CA ALA A 306 -15.15 -3.46 4.44
C ALA A 306 -15.45 -2.79 5.79
N ASP A 307 -15.54 -3.58 6.85
CA ASP A 307 -15.67 -3.04 8.19
C ASP A 307 -14.30 -3.01 8.89
N PRO A 308 -13.85 -1.82 9.31
CA PRO A 308 -12.49 -1.63 9.85
C PRO A 308 -12.13 -2.62 10.95
N ASP A 309 -13.00 -2.75 11.95
CA ASP A 309 -12.75 -3.62 13.09
C ASP A 309 -12.66 -5.07 12.63
N PHE A 310 -13.56 -5.49 11.76
CA PHE A 310 -13.50 -6.88 11.30
C PHE A 310 -12.24 -7.08 10.47
N ALA A 311 -11.85 -6.04 9.73
CA ALA A 311 -10.68 -6.07 8.88
C ALA A 311 -9.42 -6.29 9.69
N ASP A 312 -9.40 -5.72 10.88
CA ASP A 312 -8.28 -5.83 11.80
C ASP A 312 -8.27 -7.20 12.43
N PHE A 313 -9.44 -7.63 12.89
CA PHE A 313 -9.59 -8.93 13.51
C PHE A 313 -9.09 -10.02 12.56
N SER A 314 -9.49 -9.90 11.30
CA SER A 314 -9.11 -10.86 10.28
C SER A 314 -7.59 -10.88 10.08
N GLN A 315 -6.98 -9.69 9.99
CA GLN A 315 -5.53 -9.63 9.85
C GLN A 315 -4.83 -10.26 11.04
N GLU A 316 -5.32 -9.97 12.24
CA GLU A 316 -4.74 -10.54 13.46
C GLU A 316 -4.63 -12.06 13.39
N ILE A 317 -5.65 -12.72 12.87
CA ILE A 317 -5.56 -14.16 12.66
C ILE A 317 -4.41 -14.48 11.69
N GLY A 318 -4.28 -13.68 10.63
CA GLY A 318 -3.20 -13.83 9.68
C GLY A 318 -1.86 -13.78 10.36
N LEU A 319 -1.65 -12.74 11.15
CA LEU A 319 -0.37 -12.48 11.76
C LEU A 319 -0.03 -13.58 12.75
N ALA A 320 -1.04 -14.03 13.49
CA ALA A 320 -0.87 -15.17 14.36
C ALA A 320 -0.32 -16.38 13.59
N SER A 321 -0.75 -16.55 12.35
CA SER A 321 -0.28 -17.71 11.58
C SER A 321 1.16 -17.59 11.08
N ILE A 322 1.69 -16.38 11.04
CA ILE A 322 3.04 -16.16 10.52
C ILE A 322 4.06 -16.87 11.43
N GLY A 323 4.79 -17.82 10.86
CA GLY A 323 5.76 -18.57 11.62
C GLY A 323 5.16 -19.54 12.62
N ALA A 324 3.83 -19.71 12.64
CA ALA A 324 3.23 -20.62 13.61
C ALA A 324 3.52 -22.09 13.29
N SER A 325 3.67 -22.89 14.34
CA SER A 325 3.77 -24.34 14.21
C SER A 325 2.55 -24.93 13.53
N ASP A 326 2.73 -26.13 12.97
CA ASP A 326 1.64 -26.82 12.27
C ASP A 326 0.46 -27.05 13.17
N GLU A 327 0.74 -27.47 14.40
CA GLU A 327 -0.31 -27.67 15.40
C GLU A 327 -1.09 -26.38 15.65
N ASP A 328 -0.38 -25.26 15.71
CA ASP A 328 -1.03 -23.98 15.97
C ASP A 328 -1.78 -23.47 14.74
N ILE A 329 -1.27 -23.78 13.56
CA ILE A 329 -1.98 -23.46 12.33
C ILE A 329 -3.35 -24.17 12.32
N GLN A 330 -3.38 -25.42 12.76
CA GLN A 330 -4.66 -26.16 12.87
C GLN A 330 -5.60 -25.54 13.93
N LEU A 331 -5.08 -25.20 15.10
CA LEU A 331 -5.88 -24.44 16.09
C LEU A 331 -6.45 -23.18 15.47
N LEU A 332 -5.62 -22.47 14.72
CA LEU A 332 -6.05 -21.22 14.09
C LEU A 332 -7.12 -21.42 13.02
N SER A 333 -7.00 -22.48 12.24
CA SER A 333 -7.97 -22.70 11.19
C SER A 333 -9.33 -23.04 11.85
N THR A 334 -9.28 -23.71 12.99
CA THR A 334 -10.49 -23.96 13.78
C THR A 334 -11.10 -22.66 14.30
N CYS A 335 -10.25 -21.76 14.80
CA CYS A 335 -10.70 -20.44 15.24
C CYS A 335 -11.31 -19.67 14.07
N TYR A 336 -10.66 -19.75 12.92
CA TYR A 336 -11.17 -19.11 11.72
C TYR A 336 -12.54 -19.66 11.32
N TRP A 337 -12.72 -20.95 11.47
CA TRP A 337 -14.00 -21.57 11.17
C TRP A 337 -15.09 -21.03 12.09
N PHE A 338 -14.78 -20.91 13.37
CA PHE A 338 -15.80 -20.57 14.34
C PHE A 338 -16.02 -19.06 14.45
N THR A 339 -15.26 -18.29 13.68
CA THR A 339 -15.46 -16.84 13.63
C THR A 339 -15.76 -16.33 12.21
N VAL A 340 -14.73 -16.21 11.37
CA VAL A 340 -14.91 -15.70 10.01
C VAL A 340 -15.96 -16.49 9.23
N GLU A 341 -15.99 -17.80 9.47
CA GLU A 341 -16.79 -18.68 8.65
C GLU A 341 -18.19 -18.91 9.24
N PHE A 342 -18.27 -19.23 10.53
CA PHE A 342 -19.57 -19.42 11.16
C PHE A 342 -19.73 -18.66 12.48
N GLY A 343 -19.17 -17.46 12.55
CA GLY A 343 -19.33 -16.60 13.72
C GLY A 343 -20.70 -15.94 13.84
N LEU A 344 -21.20 -15.87 15.07
CA LEU A 344 -22.37 -15.07 15.43
C LEU A 344 -21.98 -13.79 16.19
N CYS A 345 -22.85 -12.80 16.15
CA CYS A 345 -22.67 -11.62 17.01
C CYS A 345 -23.90 -11.45 17.87
N LYS A 346 -23.77 -10.78 19.00
CA LYS A 346 -24.95 -10.44 19.79
C LYS A 346 -25.20 -8.94 19.71
N GLU A 347 -26.40 -8.58 19.28
CA GLU A 347 -26.79 -7.18 19.21
C GLU A 347 -27.95 -6.96 20.15
N GLY A 348 -27.67 -6.39 21.31
CA GLY A 348 -28.67 -6.27 22.35
C GLY A 348 -29.06 -7.67 22.77
N ASP A 349 -30.36 -7.96 22.82
CA ASP A 349 -30.80 -9.30 23.19
C ASP A 349 -30.93 -10.24 21.99
N THR A 350 -30.46 -9.78 20.84
CA THR A 350 -30.63 -10.54 19.62
C THR A 350 -29.33 -11.24 19.22
N ILE A 351 -29.45 -12.35 18.53
CA ILE A 351 -28.29 -13.06 17.98
C ILE A 351 -28.34 -12.98 16.46
N ARG A 352 -27.27 -12.50 15.85
CA ARG A 352 -27.24 -12.42 14.40
C ARG A 352 -25.93 -12.91 13.85
N ALA A 353 -25.86 -13.07 12.53
CA ALA A 353 -24.76 -13.79 11.89
C ALA A 353 -23.79 -12.86 11.15
N TYR A 354 -22.49 -13.10 11.32
CA TYR A 354 -21.48 -12.42 10.55
C TYR A 354 -20.61 -13.42 9.79
N GLY A 355 -20.80 -14.71 10.07
CA GLY A 355 -20.02 -15.74 9.43
C GLY A 355 -20.36 -15.91 7.97
N ALA A 356 -19.33 -15.87 7.14
CA ALA A 356 -19.48 -15.96 5.70
C ALA A 356 -20.18 -17.24 5.29
N GLY A 357 -19.90 -18.32 6.00
CA GLY A 357 -20.53 -19.60 5.73
C GLY A 357 -22.03 -19.57 6.01
N ILE A 358 -22.44 -18.68 6.92
CA ILE A 358 -23.84 -18.51 7.25
C ILE A 358 -24.53 -17.56 6.28
N LEU A 359 -23.93 -16.38 6.10
CA LEU A 359 -24.49 -15.34 5.25
C LEU A 359 -24.67 -15.78 3.80
N SER A 360 -23.83 -16.72 3.33
CA SER A 360 -23.92 -17.20 1.95
C SER A 360 -24.88 -18.39 1.76
N SER A 361 -25.45 -18.88 2.86
CA SER A 361 -26.33 -20.05 2.78
C SER A 361 -27.69 -19.78 3.43
N THR A 362 -28.74 -19.70 2.60
CA THR A 362 -30.08 -19.40 3.11
C THR A 362 -30.56 -20.50 4.07
N GLY A 363 -30.04 -21.71 3.89
CA GLY A 363 -30.25 -22.78 4.84
C GLY A 363 -29.66 -22.50 6.22
N GLU A 364 -28.38 -22.13 6.28
CA GLU A 364 -27.70 -21.97 7.57
C GLU A 364 -28.27 -20.75 8.28
N MET A 365 -28.73 -19.79 7.49
CA MET A 365 -29.41 -18.61 7.99
C MET A 365 -30.67 -18.99 8.77
N GLU A 366 -31.39 -20.02 8.32
CA GLU A 366 -32.56 -20.52 9.04
C GLU A 366 -32.16 -21.21 10.34
N HIS A 367 -31.07 -21.99 10.27
CA HIS A 367 -30.71 -22.90 11.35
C HIS A 367 -30.19 -22.21 12.62
N PHE A 368 -29.31 -21.23 12.46
CA PHE A 368 -28.67 -20.61 13.62
C PHE A 368 -29.66 -19.83 14.49
N LEU A 369 -30.79 -19.44 13.90
CA LEU A 369 -31.75 -18.59 14.60
C LEU A 369 -32.71 -19.41 15.44
N THR A 370 -32.60 -20.74 15.34
CA THR A 370 -33.48 -21.65 16.07
C THR A 370 -32.72 -22.33 17.21
N ASP A 371 -33.44 -22.92 18.16
CA ASP A 371 -32.84 -23.65 19.27
C ASP A 371 -32.24 -24.99 18.84
N LYS A 372 -32.29 -25.28 17.55
CA LYS A 372 -31.78 -26.55 17.02
C LYS A 372 -30.27 -26.64 17.13
N ALA A 373 -29.63 -25.52 17.43
CA ALA A 373 -28.18 -25.46 17.65
C ALA A 373 -27.90 -24.74 18.96
N LYS A 374 -26.76 -25.06 19.58
CA LYS A 374 -26.35 -24.34 20.78
C LYS A 374 -25.36 -23.23 20.49
N LYS A 375 -25.39 -22.20 21.33
CA LYS A 375 -24.46 -21.06 21.20
C LYS A 375 -23.57 -20.96 22.43
N LEU A 376 -22.33 -20.55 22.23
CA LEU A 376 -21.41 -20.32 23.34
C LEU A 376 -20.62 -19.03 23.10
N PRO A 377 -20.11 -18.40 24.17
CA PRO A 377 -19.20 -17.25 23.98
C PRO A 377 -17.89 -17.63 23.30
N PHE A 378 -17.46 -16.80 22.36
CA PHE A 378 -16.18 -17.01 21.75
C PHE A 378 -15.05 -16.90 22.77
N ASN A 379 -14.26 -17.96 22.84
CA ASN A 379 -12.98 -17.95 23.54
C ASN A 379 -12.04 -18.82 22.75
N PRO A 380 -10.95 -18.24 22.22
CA PRO A 380 -10.03 -18.98 21.36
C PRO A 380 -9.40 -20.17 22.08
N PHE A 381 -9.21 -20.05 23.39
CA PHE A 381 -8.62 -21.14 24.17
C PHE A 381 -9.63 -22.26 24.36
N ASP A 382 -10.89 -21.97 24.05
CA ASP A 382 -11.96 -22.95 24.11
C ASP A 382 -12.28 -23.48 22.70
N ALA A 383 -12.70 -22.58 21.81
CA ALA A 383 -13.00 -22.94 20.42
C ALA A 383 -11.73 -23.33 19.65
N CYS A 384 -11.00 -24.30 20.17
CA CYS A 384 -9.76 -24.79 19.58
C CYS A 384 -9.73 -26.31 19.72
N ASN A 385 -10.21 -26.79 20.86
CA ASN A 385 -10.38 -28.20 21.08
C ASN A 385 -11.79 -28.61 20.68
N THR A 386 -12.37 -27.87 19.73
CA THR A 386 -13.75 -28.07 19.36
C THR A 386 -13.92 -28.59 17.94
N GLU A 387 -14.52 -29.78 17.84
CA GLU A 387 -14.79 -30.46 16.58
C GLU A 387 -16.00 -29.88 15.87
N TYR A 388 -16.03 -29.97 14.55
CA TYR A 388 -17.15 -29.42 13.78
C TYR A 388 -17.43 -30.16 12.48
N PRO A 389 -18.72 -30.29 12.12
CA PRO A 389 -19.07 -30.92 10.85
C PRO A 389 -18.91 -29.91 9.71
N ILE A 390 -18.57 -30.39 8.51
CA ILE A 390 -18.32 -29.50 7.40
C ILE A 390 -19.32 -29.72 6.25
N THR A 391 -20.04 -30.83 6.29
CA THR A 391 -21.02 -31.11 5.26
C THR A 391 -22.43 -31.05 5.81
N THR A 392 -22.57 -30.54 7.03
CA THR A 392 -23.89 -30.32 7.63
C THR A 392 -23.96 -28.91 8.17
N PHE A 393 -25.16 -28.47 8.55
CA PHE A 393 -25.31 -27.22 9.31
C PHE A 393 -24.50 -27.35 10.58
N GLN A 394 -24.02 -26.24 11.12
CA GLN A 394 -23.37 -26.26 12.43
C GLN A 394 -24.40 -26.56 13.53
N PRO A 395 -24.04 -27.45 14.48
CA PRO A 395 -24.85 -27.74 15.66
C PRO A 395 -24.47 -26.85 16.84
N LEU A 396 -23.41 -26.08 16.67
CA LEU A 396 -22.86 -25.25 17.74
C LEU A 396 -22.15 -24.04 17.20
N TYR A 397 -22.59 -22.85 17.62
CA TYR A 397 -21.90 -21.64 17.22
C TYR A 397 -21.27 -20.91 18.40
N TYR A 398 -20.36 -19.99 18.06
CA TYR A 398 -19.74 -19.10 19.01
C TYR A 398 -20.16 -17.68 18.72
N VAL A 399 -20.58 -16.97 19.77
CA VAL A 399 -20.96 -15.58 19.64
C VAL A 399 -19.79 -14.70 20.08
N ALA A 400 -19.29 -13.85 19.18
CA ALA A 400 -18.27 -12.88 19.53
C ALA A 400 -18.93 -11.65 20.14
N GLU A 401 -18.26 -11.01 21.10
CA GLU A 401 -18.86 -9.85 21.74
C GLU A 401 -18.75 -8.66 20.80
N SER A 402 -17.60 -8.56 20.16
CA SER A 402 -17.34 -7.51 19.20
C SER A 402 -16.04 -7.85 18.50
N PHE A 403 -15.82 -7.30 17.33
CA PHE A 403 -14.60 -7.63 16.59
C PHE A 403 -13.35 -7.06 17.26
N GLN A 404 -13.47 -5.95 17.98
CA GLN A 404 -12.34 -5.43 18.71
C GLN A 404 -11.87 -6.42 19.79
N LYS A 405 -12.78 -6.94 20.61
CA LYS A 405 -12.37 -7.93 21.61
C LYS A 405 -11.94 -9.26 20.99
N ALA A 406 -12.59 -9.67 19.89
CA ALA A 406 -12.17 -10.88 19.20
C ALA A 406 -10.71 -10.74 18.77
N LYS A 407 -10.37 -9.56 18.27
CA LYS A 407 -9.00 -9.23 17.86
C LYS A 407 -8.03 -9.33 19.03
N GLU A 408 -8.41 -8.77 20.17
CA GLU A 408 -7.62 -8.87 21.40
C GLU A 408 -7.53 -10.31 21.90
N GLN A 409 -8.65 -11.04 21.84
CA GLN A 409 -8.69 -12.44 22.22
C GLN A 409 -7.78 -13.28 21.35
N MET A 410 -7.66 -12.91 20.08
CA MET A 410 -6.83 -13.68 19.17
C MET A 410 -5.37 -13.29 19.36
N ARG A 411 -5.12 -12.04 19.73
CA ARG A 411 -3.76 -11.59 19.98
C ARG A 411 -3.13 -12.35 21.15
N GLN A 412 -3.94 -12.66 22.17
CA GLN A 412 -3.46 -13.40 23.34
C GLN A 412 -3.24 -14.86 23.02
N PHE A 413 -4.14 -15.40 22.20
CA PHE A 413 -4.02 -16.76 21.73
C PHE A 413 -2.66 -16.90 21.05
N ALA A 414 -2.34 -15.92 20.20
CA ALA A 414 -1.07 -15.90 19.48
C ALA A 414 0.12 -15.83 20.43
N ASP A 415 -0.01 -15.02 21.48
CA ASP A 415 1.05 -14.86 22.46
C ASP A 415 1.42 -16.18 23.10
N SER A 416 0.40 -17.01 23.33
CA SER A 416 0.59 -18.35 23.90
C SER A 416 1.42 -19.27 22.99
N PHE A 417 1.56 -18.92 21.72
CA PHE A 417 2.27 -19.78 20.78
C PHE A 417 3.77 -19.73 21.01
N LYS A 418 4.40 -20.89 21.08
CA LYS A 418 5.86 -20.94 21.05
C LYS A 418 6.33 -20.31 19.74
N LYS A 419 6.94 -19.13 19.82
CA LYS A 419 7.52 -18.52 18.64
C LYS A 419 8.90 -17.96 18.93
N PRO A 420 9.84 -18.18 18.01
CA PRO A 420 11.24 -17.75 18.11
C PRO A 420 11.42 -16.25 17.99
N PHE A 421 10.34 -15.53 17.70
CA PHE A 421 10.37 -14.08 17.60
C PHE A 421 8.95 -13.53 17.55
N SER A 422 8.84 -12.21 17.70
CA SER A 422 7.57 -11.55 17.47
C SER A 422 7.56 -11.02 16.05
N ILE A 423 6.37 -10.76 15.53
CA ILE A 423 6.27 -10.15 14.23
C ILE A 423 5.26 -9.04 14.30
N ARG A 424 5.37 -8.17 13.31
CA ARG A 424 4.72 -6.89 13.32
C ARG A 424 4.48 -6.61 11.87
N TYR A 425 3.36 -5.99 11.56
CA TYR A 425 3.07 -5.66 10.17
C TYR A 425 3.40 -4.21 9.89
N ASN A 426 3.95 -3.96 8.71
CA ASN A 426 4.20 -2.59 8.29
C ASN A 426 3.37 -2.25 7.08
N PRO A 427 2.33 -1.43 7.28
CA PRO A 427 1.39 -1.00 6.21
C PRO A 427 2.04 -0.13 5.14
N TYR A 428 3.06 0.65 5.49
CA TYR A 428 3.79 1.47 4.51
C TYR A 428 4.64 0.63 3.56
N THR A 429 5.36 -0.35 4.10
CA THR A 429 6.21 -1.17 3.28
C THR A 429 5.52 -2.48 2.90
N GLN A 430 4.34 -2.71 3.46
CA GLN A 430 3.55 -3.91 3.18
C GLN A 430 4.41 -5.16 3.36
N SER A 431 5.03 -5.24 4.52
CA SER A 431 5.98 -6.30 4.79
C SER A 431 5.84 -6.75 6.20
N ILE A 432 6.31 -7.96 6.45
CA ILE A 432 6.43 -8.48 7.79
C ILE A 432 7.78 -8.07 8.36
N GLU A 433 7.78 -7.49 9.56
CA GLU A 433 9.01 -7.20 10.27
C GLU A 433 9.16 -8.16 11.43
N ILE A 434 10.32 -8.80 11.49
CA ILE A 434 10.60 -9.75 12.56
C ILE A 434 11.21 -9.02 13.75
N LEU A 435 10.76 -9.37 14.94
CA LEU A 435 11.25 -8.79 16.19
C LEU A 435 11.60 -9.89 17.19
N ASP A 436 12.80 -9.85 17.74
CA ASP A 436 13.22 -10.85 18.71
C ASP A 436 12.71 -10.50 20.11
N SER B 39 -7.60 21.51 -18.20
CA SER B 39 -8.94 21.25 -17.68
C SER B 39 -8.95 21.37 -16.17
N TYR B 40 -10.02 21.93 -15.63
CA TYR B 40 -10.08 22.28 -14.23
C TYR B 40 -11.00 21.34 -13.46
N HIS B 41 -10.45 20.73 -12.41
CA HIS B 41 -11.16 19.71 -11.63
C HIS B 41 -11.92 20.26 -10.43
N SER B 42 -13.15 19.78 -10.26
CA SER B 42 -13.97 20.06 -9.07
C SER B 42 -14.32 18.76 -8.34
N SER B 43 -14.62 18.89 -7.06
CA SER B 43 -15.07 17.75 -6.29
C SER B 43 -16.15 18.19 -5.31
N ILE B 44 -17.19 17.36 -5.17
CA ILE B 44 -18.34 17.71 -4.35
C ILE B 44 -18.51 16.66 -3.26
N PHE B 45 -18.53 17.10 -2.00
CA PHE B 45 -18.51 16.19 -0.87
C PHE B 45 -19.78 16.32 -0.07
N PHE B 46 -20.30 15.19 0.41
CA PHE B 46 -21.43 15.23 1.32
C PHE B 46 -21.68 13.90 1.99
N SER B 47 -22.34 13.95 3.14
CA SER B 47 -22.66 12.76 3.89
C SER B 47 -24.15 12.59 4.01
N ILE B 48 -24.57 11.39 4.40
CA ILE B 48 -25.97 11.07 4.62
C ILE B 48 -26.03 9.85 5.53
N SER B 49 -26.90 9.88 6.53
CA SER B 49 -26.98 8.80 7.50
C SER B 49 -27.76 7.59 6.97
N LYS B 50 -27.26 6.40 7.29
CA LYS B 50 -27.94 5.14 7.01
C LYS B 50 -29.36 5.18 7.57
N GLY B 51 -30.33 4.87 6.73
CA GLY B 51 -31.73 4.93 7.12
C GLY B 51 -32.33 6.30 6.88
N SER B 52 -31.89 6.94 5.80
CA SER B 52 -32.42 8.25 5.44
C SER B 52 -33.60 8.11 4.49
N ASP B 53 -34.51 9.07 4.56
CA ASP B 53 -35.68 9.12 3.69
C ASP B 53 -35.26 9.46 2.26
N LYS B 54 -34.16 10.20 2.13
CA LYS B 54 -33.74 10.79 0.86
C LYS B 54 -32.82 9.91 0.03
N ILE B 55 -32.20 8.91 0.65
CA ILE B 55 -31.19 8.07 -0.02
C ILE B 55 -31.71 7.49 -1.34
N GLY B 56 -32.93 6.97 -1.32
CA GLY B 56 -33.53 6.36 -2.49
C GLY B 56 -33.56 7.30 -3.67
N GLY B 57 -34.13 8.49 -3.46
CA GLY B 57 -34.21 9.51 -4.49
C GLY B 57 -32.85 10.01 -4.93
N LEU B 58 -32.00 10.31 -3.95
CA LEU B 58 -30.66 10.78 -4.23
C LEU B 58 -29.93 9.81 -5.18
N LEU B 59 -30.08 8.52 -4.92
CA LEU B 59 -29.41 7.51 -5.74
C LEU B 59 -29.86 7.62 -7.19
N GLU B 60 -31.16 7.85 -7.41
CA GLU B 60 -31.71 7.92 -8.75
C GLU B 60 -31.14 9.11 -9.53
N TYR B 61 -31.14 10.27 -8.89
CA TYR B 61 -30.55 11.48 -9.47
C TYR B 61 -29.08 11.26 -9.85
N LEU B 62 -28.32 10.62 -8.96
CA LEU B 62 -26.89 10.43 -9.18
C LEU B 62 -26.67 9.56 -10.41
N GLU B 63 -27.45 8.49 -10.50
CA GLU B 63 -27.43 7.63 -11.67
C GLU B 63 -27.70 8.42 -12.95
N ILE B 64 -28.61 9.37 -12.86
CA ILE B 64 -29.05 10.10 -14.03
C ILE B 64 -28.04 11.14 -14.53
N ILE B 65 -27.54 11.98 -13.63
CA ILE B 65 -26.52 12.95 -14.03
C ILE B 65 -25.22 12.26 -14.46
N LYS B 66 -24.97 11.04 -13.97
CA LYS B 66 -23.81 10.28 -14.40
C LYS B 66 -23.96 9.90 -15.86
N LYS B 67 -25.14 9.35 -16.18
CA LYS B 67 -25.50 9.05 -17.55
C LYS B 67 -25.57 10.32 -18.41
N HIS B 68 -26.07 11.42 -17.83
CA HIS B 68 -26.42 12.61 -18.62
C HIS B 68 -25.67 13.93 -18.30
N ASN B 69 -24.41 13.83 -17.89
CA ASN B 69 -23.50 14.98 -17.83
C ASN B 69 -22.08 14.49 -18.06
N ILE B 70 -21.47 14.98 -19.13
CA ILE B 70 -20.19 14.45 -19.58
C ILE B 70 -19.04 14.90 -18.68
N ASN B 71 -19.20 16.05 -18.04
CA ASN B 71 -18.14 16.60 -17.20
C ASN B 71 -18.05 15.89 -15.86
N ILE B 72 -18.98 14.98 -15.61
CA ILE B 72 -18.93 14.12 -14.44
C ILE B 72 -17.93 13.00 -14.67
N THR B 73 -16.82 13.01 -13.94
CA THR B 73 -15.79 12.00 -14.19
C THR B 73 -16.05 10.75 -13.36
N ARG B 74 -16.70 10.91 -12.21
CA ARG B 74 -16.70 9.87 -11.21
C ARG B 74 -17.66 10.17 -10.08
N ILE B 75 -18.37 9.14 -9.62
CA ILE B 75 -19.18 9.24 -8.42
C ILE B 75 -18.99 7.96 -7.60
N GLU B 76 -18.66 8.11 -6.33
CA GLU B 76 -18.47 6.94 -5.48
C GLU B 76 -18.91 7.22 -4.05
N SER B 77 -19.28 6.17 -3.34
CA SER B 77 -19.69 6.30 -1.94
C SER B 77 -18.88 5.36 -1.04
N ARG B 78 -18.60 5.81 0.16
CA ARG B 78 -17.70 5.06 1.05
C ARG B 78 -18.27 5.05 2.44
N PRO B 79 -17.81 4.10 3.26
CA PRO B 79 -18.24 4.16 4.66
C PRO B 79 -17.62 5.40 5.31
N SER B 80 -18.29 5.96 6.31
CA SER B 80 -17.82 7.22 6.89
C SER B 80 -16.66 6.98 7.85
N LYS B 81 -15.62 7.81 7.72
CA LYS B 81 -14.44 7.68 8.58
C LYS B 81 -14.64 8.48 9.87
N THR B 82 -15.80 9.12 9.98
CA THR B 82 -16.11 10.02 11.09
C THR B 82 -17.35 9.60 11.89
N GLU B 83 -18.46 9.32 11.20
CA GLU B 83 -19.70 8.90 11.87
C GLU B 83 -20.21 7.54 11.38
N LYS B 84 -20.05 6.54 12.24
CA LYS B 84 -20.34 5.13 11.97
C LYS B 84 -21.55 4.81 11.07
N LYS B 85 -22.69 5.44 11.31
CA LYS B 85 -23.92 5.07 10.59
C LYS B 85 -24.15 5.95 9.38
N ASP B 86 -23.10 6.62 8.90
CA ASP B 86 -23.23 7.53 7.76
C ASP B 86 -22.48 7.05 6.50
N TYR B 87 -22.91 7.57 5.35
CA TYR B 87 -22.26 7.31 4.09
C TYR B 87 -21.61 8.59 3.58
N ASP B 88 -20.37 8.51 3.11
CA ASP B 88 -19.73 9.62 2.41
C ASP B 88 -19.86 9.46 0.90
N PHE B 89 -20.19 10.55 0.22
CA PHE B 89 -20.30 10.56 -1.22
C PHE B 89 -19.29 11.52 -1.82
N PHE B 90 -18.73 11.13 -2.96
CA PHE B 90 -17.79 11.96 -3.67
C PHE B 90 -18.21 12.09 -5.13
N LEU B 91 -18.28 13.32 -5.63
CA LEU B 91 -18.55 13.59 -7.04
C LEU B 91 -17.41 14.37 -7.68
N ASP B 92 -16.72 13.77 -8.63
CA ASP B 92 -15.64 14.46 -9.33
C ASP B 92 -16.10 14.99 -10.70
N LEU B 93 -15.87 16.28 -10.94
CA LEU B 93 -16.25 16.95 -12.19
C LEU B 93 -15.04 17.61 -12.86
N GLU B 94 -15.03 17.64 -14.18
CA GLU B 94 -13.90 18.20 -14.92
C GLU B 94 -14.38 19.12 -16.04
N TYR B 95 -13.88 20.36 -16.06
CA TYR B 95 -14.33 21.34 -17.04
C TYR B 95 -13.14 21.95 -17.80
N PRO B 96 -13.40 22.49 -19.02
CA PRO B 96 -12.38 23.14 -19.83
C PRO B 96 -12.07 24.59 -19.41
N THR B 97 -13.06 25.33 -18.93
CA THR B 97 -12.82 26.68 -18.43
C THR B 97 -12.85 26.74 -16.91
N GLU B 98 -12.10 27.69 -16.37
CA GLU B 98 -12.07 27.92 -14.93
C GLU B 98 -13.43 28.43 -14.45
N ASN B 99 -13.78 28.09 -13.20
CA ASN B 99 -15.03 28.50 -12.56
C ASN B 99 -16.26 28.33 -13.45
N ASN B 100 -16.53 27.08 -13.80
CA ASN B 100 -17.68 26.74 -14.62
C ASN B 100 -18.96 26.88 -13.80
N LYS B 101 -19.97 27.49 -14.38
CA LYS B 101 -21.25 27.69 -13.72
C LYS B 101 -22.04 26.39 -13.55
N GLU B 102 -21.64 25.36 -14.30
CA GLU B 102 -22.33 24.08 -14.27
C GLU B 102 -22.22 23.35 -12.92
N VAL B 103 -21.07 23.49 -12.24
CA VAL B 103 -20.88 22.86 -10.92
C VAL B 103 -21.87 23.41 -9.91
N GLU B 104 -22.10 24.72 -9.98
CA GLU B 104 -23.01 25.42 -9.08
C GLU B 104 -24.45 24.96 -9.27
N LYS B 105 -24.78 24.58 -10.50
CA LYS B 105 -26.09 24.01 -10.79
C LYS B 105 -26.18 22.61 -10.18
N VAL B 106 -25.14 21.81 -10.34
CA VAL B 106 -25.09 20.48 -9.73
C VAL B 106 -25.32 20.59 -8.23
N ILE B 107 -24.69 21.57 -7.61
CA ILE B 107 -24.82 21.80 -6.18
C ILE B 107 -26.27 22.01 -5.76
N LYS B 108 -26.92 23.02 -6.30
CA LYS B 108 -28.30 23.35 -5.93
C LYS B 108 -29.26 22.20 -6.23
N ASP B 109 -29.03 21.53 -7.35
CA ASP B 109 -29.80 20.36 -7.75
C ASP B 109 -29.56 19.23 -6.76
N LEU B 110 -28.39 19.25 -6.13
CA LEU B 110 -28.03 18.19 -5.21
C LEU B 110 -28.57 18.49 -3.82
N GLU B 111 -28.88 19.75 -3.57
CA GLU B 111 -29.39 20.13 -2.26
C GLU B 111 -30.92 20.20 -2.26
N GLU B 112 -31.53 20.31 -3.43
CA GLU B 112 -32.98 20.14 -3.56
C GLU B 112 -33.37 18.73 -3.14
N LYS B 113 -32.44 17.78 -3.32
CA LYS B 113 -32.65 16.39 -2.94
C LYS B 113 -32.26 16.13 -1.47
N GLY B 114 -31.85 17.19 -0.76
CA GLY B 114 -31.74 17.17 0.69
C GLY B 114 -30.40 16.91 1.38
N VAL B 115 -29.28 17.30 0.77
CA VAL B 115 -28.00 17.20 1.47
C VAL B 115 -27.22 18.51 1.40
N LYS B 116 -26.37 18.75 2.40
CA LYS B 116 -25.50 19.91 2.38
C LYS B 116 -24.16 19.53 1.77
N ALA B 117 -23.78 20.19 0.68
CA ALA B 117 -22.59 19.83 -0.08
C ALA B 117 -21.44 20.82 0.09
N THR B 118 -20.23 20.27 0.20
CA THR B 118 -19.01 21.07 0.22
C THR B 118 -18.24 20.88 -1.08
N THR B 119 -17.94 21.97 -1.76
CA THR B 119 -17.28 21.89 -3.06
C THR B 119 -15.82 22.37 -3.02
N LEU B 120 -14.92 21.58 -3.60
CA LEU B 120 -13.53 21.94 -3.80
C LEU B 120 -13.24 22.17 -5.28
N GLN B 121 -12.30 23.06 -5.59
CA GLN B 121 -12.08 23.43 -6.98
C GLN B 121 -10.65 23.90 -7.30
N GLU B 122 -10.19 23.53 -8.49
CA GLU B 122 -9.00 24.14 -9.05
C GLU B 122 -9.36 25.52 -9.57
N SER B 123 -9.02 26.55 -8.79
CA SER B 123 -9.34 27.91 -9.16
C SER B 123 -8.34 28.92 -8.60
N SER B 124 -8.12 29.97 -9.38
CA SER B 124 -7.33 31.13 -8.97
C SER B 124 -8.18 32.04 -8.09
N ASN B 125 -9.46 31.71 -7.98
CA ASN B 125 -10.33 32.43 -7.08
C ASN B 125 -10.50 31.67 -5.79
N GLN B 126 -11.15 32.30 -4.82
CA GLN B 126 -11.51 31.60 -3.60
C GLN B 126 -13.01 31.55 -3.44
N THR B 127 -13.73 31.43 -4.55
CA THR B 127 -15.14 31.05 -4.49
C THR B 127 -15.28 29.75 -3.70
N TYR B 128 -14.42 28.78 -4.01
CA TYR B 128 -14.37 27.53 -3.26
C TYR B 128 -12.96 27.23 -2.75
N ALA B 129 -12.89 26.38 -1.73
CA ALA B 129 -11.62 25.90 -1.22
C ALA B 129 -10.92 25.12 -2.31
N PRO B 130 -9.58 25.05 -2.24
CA PRO B 130 -8.81 24.40 -3.29
C PRO B 130 -9.05 22.89 -3.38
N TRP B 131 -9.07 22.41 -4.61
CA TRP B 131 -9.17 20.99 -4.88
C TRP B 131 -7.87 20.28 -4.52
N PHE B 132 -7.95 18.99 -4.26
CA PHE B 132 -6.77 18.17 -4.11
C PHE B 132 -7.03 16.76 -4.65
N PRO B 133 -5.97 16.06 -5.07
CA PRO B 133 -6.15 14.65 -5.42
C PRO B 133 -6.42 13.86 -4.14
N ARG B 134 -7.28 12.85 -4.21
CA ARG B 134 -7.79 12.20 -3.00
C ARG B 134 -7.16 10.81 -2.83
N LYS B 135 -6.83 10.19 -3.96
CA LYS B 135 -6.15 8.91 -3.91
C LYS B 135 -4.93 8.92 -4.82
N ILE B 136 -4.06 7.94 -4.63
CA ILE B 136 -2.75 7.97 -5.24
C ILE B 136 -2.84 7.93 -6.77
N SER B 137 -3.84 7.21 -7.30
CA SER B 137 -4.03 7.14 -8.74
C SER B 137 -4.50 8.47 -9.31
N ASP B 138 -5.02 9.35 -8.46
CA ASP B 138 -5.45 10.66 -8.96
C ASP B 138 -4.26 11.54 -9.30
N LEU B 139 -3.05 11.09 -8.97
CA LEU B 139 -1.85 11.83 -9.34
C LEU B 139 -1.65 11.74 -10.86
N ASP B 140 -2.32 10.77 -11.49
CA ASP B 140 -2.38 10.67 -12.95
C ASP B 140 -2.76 11.98 -13.60
N LEU B 141 -3.69 12.70 -12.96
CA LEU B 141 -4.20 13.98 -13.48
C LEU B 141 -3.13 15.05 -13.62
N PHE B 142 -1.97 14.86 -13.01
CA PHE B 142 -0.93 15.88 -13.06
C PHE B 142 -0.07 15.84 -14.34
N ALA B 143 -0.17 14.74 -15.09
CA ALA B 143 0.67 14.58 -16.27
C ALA B 143 0.22 15.48 -17.43
N ASN B 144 -0.93 16.14 -17.27
CA ASN B 144 -1.42 17.12 -18.24
C ASN B 144 -0.48 18.33 -18.36
N LYS B 145 0.05 18.77 -17.22
CA LYS B 145 0.90 19.96 -17.12
C LYS B 145 2.22 19.80 -17.85
N GLY B 159 21.25 24.72 -19.39
CA GLY B 159 22.36 25.47 -19.94
C GLY B 159 22.79 24.93 -21.29
N ALA B 160 21.85 24.31 -22.00
CA ALA B 160 22.15 23.70 -23.29
C ALA B 160 21.43 24.37 -24.45
N SER B 161 22.19 25.16 -25.21
CA SER B 161 21.72 25.72 -26.47
C SER B 161 21.88 24.70 -27.59
N ASP B 162 22.38 23.51 -27.24
CA ASP B 162 22.58 22.43 -28.20
C ASP B 162 21.24 21.88 -28.68
N PRO B 163 21.04 21.86 -30.01
CA PRO B 163 19.82 21.33 -30.63
C PRO B 163 19.72 19.81 -30.48
N VAL B 164 20.87 19.16 -30.35
CA VAL B 164 20.95 17.73 -30.10
C VAL B 164 20.38 17.38 -28.74
N TYR B 165 20.82 18.14 -27.73
CA TYR B 165 20.38 17.98 -26.34
C TYR B 165 18.88 18.27 -26.20
N ARG B 166 18.40 19.30 -26.91
CA ARG B 166 16.99 19.68 -26.86
C ARG B 166 16.11 18.59 -27.45
N GLU B 167 16.63 17.93 -28.47
CA GLU B 167 16.00 16.76 -29.06
C GLU B 167 15.90 15.62 -28.05
N ARG B 168 17.04 15.28 -27.46
CA ARG B 168 17.13 14.18 -26.50
C ARG B 168 16.25 14.40 -25.26
N ARG B 169 16.16 15.64 -24.79
CA ARG B 169 15.22 15.96 -23.73
C ARG B 169 13.79 15.61 -24.13
N ARG B 170 13.38 16.10 -25.30
CA ARG B 170 12.04 15.82 -25.84
C ARG B 170 11.69 14.32 -25.77
N GLU B 171 12.60 13.48 -26.27
CA GLU B 171 12.43 12.03 -26.25
C GLU B 171 12.22 11.50 -24.84
N ILE B 172 13.20 11.74 -23.96
CA ILE B 172 13.07 11.32 -22.57
C ILE B 172 11.75 11.80 -21.97
N ALA B 173 11.35 13.02 -22.31
CA ALA B 173 10.14 13.61 -21.76
C ALA B 173 8.89 12.87 -22.23
N LYS B 174 8.83 12.58 -23.53
CA LYS B 174 7.64 11.98 -24.14
C LYS B 174 7.35 10.59 -23.59
N ILE B 175 7.48 10.44 -22.28
CA ILE B 175 7.44 9.14 -21.64
C ILE B 175 6.84 9.26 -20.23
N ALA B 176 7.25 10.28 -19.51
CA ALA B 176 6.63 10.58 -18.21
C ALA B 176 5.21 11.14 -18.39
N SER B 177 4.93 11.61 -19.60
CA SER B 177 3.60 12.10 -19.94
C SER B 177 2.69 10.92 -20.26
N THR B 178 3.28 9.77 -20.55
CA THR B 178 2.53 8.56 -20.89
C THR B 178 2.38 7.58 -19.71
N TYR B 179 3.12 7.81 -18.64
CA TYR B 179 3.09 6.92 -17.48
C TYR B 179 1.80 7.10 -16.70
N LYS B 180 1.16 5.98 -16.35
CA LYS B 180 -0.01 6.03 -15.50
C LYS B 180 0.24 5.14 -14.30
N HIS B 181 -0.35 5.49 -13.15
CA HIS B 181 -0.15 4.73 -11.93
C HIS B 181 -0.51 3.27 -12.12
N GLY B 182 0.33 2.40 -11.58
CA GLY B 182 0.18 0.97 -11.77
C GLY B 182 1.11 0.40 -12.83
N ASP B 183 1.69 1.26 -13.67
CA ASP B 183 2.61 0.81 -14.71
C ASP B 183 3.99 0.55 -14.12
N GLU B 184 4.80 -0.24 -14.80
CA GLU B 184 6.24 -0.24 -14.58
C GLU B 184 6.73 1.11 -15.08
N ILE B 185 7.70 1.71 -14.41
CA ILE B 185 8.29 2.93 -14.91
C ILE B 185 9.25 2.54 -16.02
N PRO B 186 8.98 3.01 -17.25
CA PRO B 186 9.81 2.58 -18.38
C PRO B 186 11.25 3.05 -18.19
N ARG B 187 12.16 2.20 -18.65
CA ARG B 187 13.59 2.39 -18.44
C ARG B 187 14.17 3.18 -19.60
N ILE B 188 15.21 3.95 -19.31
CA ILE B 188 15.88 4.75 -20.31
C ILE B 188 17.11 4.02 -20.81
N ASP B 189 17.28 3.97 -22.13
CA ASP B 189 18.55 3.54 -22.67
C ASP B 189 19.45 4.77 -22.70
N TYR B 190 20.19 4.98 -21.62
CA TYR B 190 21.07 6.13 -21.54
C TYR B 190 22.22 6.03 -22.53
N THR B 191 22.79 7.18 -22.81
CA THR B 191 23.76 7.35 -23.89
C THR B 191 25.19 7.29 -23.33
N GLU B 192 26.15 7.00 -24.21
CA GLU B 192 27.53 6.89 -23.78
C GLU B 192 27.95 8.18 -23.06
N GLU B 193 27.62 9.31 -23.68
CA GLU B 193 27.89 10.64 -23.14
C GLU B 193 27.17 10.89 -21.81
N GLU B 194 25.88 10.57 -21.76
CA GLU B 194 25.09 10.69 -20.53
C GLU B 194 25.69 9.83 -19.41
N ILE B 195 26.09 8.61 -19.77
CA ILE B 195 26.71 7.72 -18.81
C ILE B 195 28.06 8.28 -18.36
N LYS B 196 28.77 8.94 -19.28
CA LYS B 196 29.99 9.64 -18.91
C LYS B 196 29.74 10.80 -17.93
N THR B 197 28.74 11.63 -18.20
CA THR B 197 28.44 12.80 -17.35
C THR B 197 28.15 12.34 -15.92
N TRP B 198 27.30 11.33 -15.80
CA TRP B 198 26.98 10.70 -14.53
C TRP B 198 28.24 10.26 -13.78
N GLY B 199 29.12 9.52 -14.46
CA GLY B 199 30.37 9.07 -13.88
C GLY B 199 31.22 10.22 -13.35
N VAL B 200 31.31 11.29 -14.12
CA VAL B 200 32.05 12.48 -13.70
C VAL B 200 31.44 13.13 -12.45
N VAL B 201 30.11 13.20 -12.40
CA VAL B 201 29.41 13.79 -11.26
C VAL B 201 29.45 12.84 -10.05
N TYR B 202 29.18 11.56 -10.28
CA TYR B 202 29.16 10.53 -9.24
C TYR B 202 30.50 10.41 -8.53
N ASN B 203 31.59 10.31 -9.30
CA ASN B 203 32.90 10.09 -8.70
C ASN B 203 33.39 11.31 -7.96
N ARG B 204 33.09 12.48 -8.50
CA ARG B 204 33.43 13.73 -7.85
C ARG B 204 32.72 13.81 -6.48
N LEU B 205 31.40 13.61 -6.48
CA LEU B 205 30.61 13.67 -5.24
C LEU B 205 30.92 12.53 -4.26
N LYS B 206 31.39 11.40 -4.79
CA LYS B 206 31.69 10.24 -3.95
C LYS B 206 32.75 10.57 -2.89
N GLU B 207 33.68 11.46 -3.21
CA GLU B 207 34.76 11.78 -2.30
C GLU B 207 34.40 12.82 -1.23
N LEU B 208 33.26 13.50 -1.41
CA LEU B 208 32.83 14.53 -0.47
C LEU B 208 31.80 14.04 0.56
N PHE B 209 31.04 13.02 0.19
CA PHE B 209 30.02 12.45 1.07
C PHE B 209 30.49 12.12 2.49
N PRO B 210 31.56 11.30 2.64
CA PRO B 210 31.95 10.90 4.00
C PRO B 210 32.17 12.08 4.95
N THR B 211 32.84 13.13 4.47
CA THR B 211 33.11 14.29 5.30
C THR B 211 32.01 15.36 5.34
N ASN B 212 31.12 15.39 4.34
CA ASN B 212 30.20 16.53 4.22
C ASN B 212 28.72 16.23 4.32
N ALA B 213 28.35 14.98 4.10
CA ALA B 213 26.95 14.59 4.15
C ALA B 213 26.57 14.16 5.55
N CYS B 214 25.31 14.35 5.88
CA CYS B 214 24.77 13.83 7.14
C CYS B 214 24.85 12.29 7.15
N HIS B 215 24.77 11.71 8.33
CA HIS B 215 25.04 10.29 8.50
C HIS B 215 23.99 9.40 7.84
N GLN B 216 22.76 9.90 7.68
CA GLN B 216 21.70 9.11 7.04
C GLN B 216 22.14 8.76 5.62
N HIS B 217 22.76 9.72 4.93
CA HIS B 217 23.25 9.52 3.57
C HIS B 217 24.31 8.43 3.54
N ALA B 218 25.31 8.53 4.43
CA ALA B 218 26.41 7.57 4.47
C ALA B 218 25.89 6.20 4.87
N TYR B 219 24.74 6.16 5.54
CA TYR B 219 24.23 4.89 6.03
C TYR B 219 23.52 4.17 4.90
N ILE B 220 22.76 4.91 4.10
CA ILE B 220 21.94 4.29 3.07
C ILE B 220 22.68 4.04 1.75
N PHE B 221 23.60 4.93 1.37
CA PHE B 221 24.27 4.84 0.08
C PHE B 221 24.83 3.46 -0.30
N PRO B 222 25.52 2.77 0.63
CA PRO B 222 26.01 1.43 0.22
C PRO B 222 24.87 0.43 -0.04
N LEU B 223 23.66 0.72 0.42
CA LEU B 223 22.51 -0.13 0.14
C LEU B 223 22.00 0.13 -1.29
N LEU B 224 22.17 1.35 -1.76
CA LEU B 224 21.87 1.73 -3.13
C LEU B 224 22.85 1.05 -4.07
N GLU B 225 24.09 0.92 -3.59
CA GLU B 225 25.10 0.24 -4.37
C GLU B 225 24.82 -1.27 -4.45
N GLN B 226 24.30 -1.85 -3.37
CA GLN B 226 24.13 -3.29 -3.28
C GLN B 226 22.78 -3.80 -3.83
N ASN B 227 21.82 -2.89 -3.99
CA ASN B 227 20.46 -3.30 -4.35
C ASN B 227 19.90 -2.56 -5.57
N CYS B 228 20.41 -1.35 -5.85
CA CYS B 228 19.86 -0.54 -6.94
C CYS B 228 20.88 -0.31 -8.06
N GLY B 229 22.01 -1.01 -7.99
CA GLY B 229 23.05 -0.90 -8.99
C GLY B 229 23.71 0.47 -9.08
N TYR B 230 23.81 1.19 -7.97
CA TYR B 230 24.51 2.46 -7.97
C TYR B 230 25.97 2.21 -8.23
N SER B 231 26.55 3.00 -9.12
CA SER B 231 27.91 2.81 -9.58
C SER B 231 28.25 4.01 -10.46
N PRO B 232 29.54 4.40 -10.53
CA PRO B 232 29.88 5.43 -11.52
C PRO B 232 29.71 4.95 -12.97
N ASP B 233 29.50 3.64 -13.16
CA ASP B 233 29.46 3.03 -14.49
C ASP B 233 28.05 2.88 -15.11
N ASN B 234 26.99 3.07 -14.33
CA ASN B 234 25.67 3.07 -14.94
C ASN B 234 24.69 3.95 -14.18
N ILE B 235 23.73 4.50 -14.91
CA ILE B 235 22.66 5.28 -14.31
C ILE B 235 21.53 4.33 -13.86
N PRO B 236 21.19 4.37 -12.57
CA PRO B 236 20.15 3.53 -11.98
C PRO B 236 18.79 3.89 -12.56
N GLN B 237 17.88 2.93 -12.68
CA GLN B 237 16.55 3.22 -13.25
C GLN B 237 15.51 3.45 -12.16
N LEU B 238 14.58 4.37 -12.43
CA LEU B 238 13.58 4.75 -11.45
C LEU B 238 12.75 3.57 -10.95
N GLN B 239 12.51 2.56 -11.79
CA GLN B 239 11.68 1.45 -11.36
C GLN B 239 12.35 0.71 -10.22
N ASP B 240 13.66 0.53 -10.41
CA ASP B 240 14.50 -0.12 -9.45
C ASP B 240 14.55 0.67 -8.17
N ILE B 241 14.64 1.98 -8.31
CA ILE B 241 14.69 2.86 -7.17
C ILE B 241 13.37 2.84 -6.40
N SER B 242 12.26 2.89 -7.15
CA SER B 242 10.95 2.93 -6.52
C SER B 242 10.73 1.68 -5.65
N ASN B 243 10.96 0.50 -6.23
CA ASN B 243 10.84 -0.73 -5.45
C ASN B 243 11.63 -0.72 -4.14
N PHE B 244 12.89 -0.28 -4.20
CA PHE B 244 13.72 -0.27 -3.03
C PHE B 244 13.16 0.72 -2.00
N LEU B 245 12.83 1.93 -2.42
CA LEU B 245 12.22 2.91 -1.51
C LEU B 245 10.96 2.36 -0.84
N GLN B 246 10.11 1.70 -1.65
CA GLN B 246 8.86 1.11 -1.16
C GLN B 246 9.10 0.15 -0.02
N GLU B 247 10.14 -0.67 -0.12
CA GLU B 247 10.30 -1.70 0.91
C GLU B 247 11.00 -1.15 2.16
N CYS B 248 11.46 0.10 2.06
CA CYS B 248 12.14 0.78 3.16
C CYS B 248 11.20 1.64 4.01
N THR B 249 10.47 2.53 3.34
CA THR B 249 9.68 3.56 4.01
C THR B 249 8.32 3.77 3.32
N GLY B 250 8.04 2.97 2.31
CA GLY B 250 6.80 3.10 1.57
C GLY B 250 6.80 4.22 0.56
N TRP B 251 7.93 4.87 0.35
CA TRP B 251 7.94 5.91 -0.69
C TRP B 251 8.03 5.30 -2.09
N ARG B 252 7.43 5.98 -3.07
CA ARG B 252 7.37 5.55 -4.49
C ARG B 252 7.88 6.67 -5.39
N ILE B 253 8.32 6.33 -6.60
CA ILE B 253 8.71 7.31 -7.61
C ILE B 253 7.73 7.31 -8.76
N ARG B 254 7.36 8.51 -9.22
CA ARG B 254 6.75 8.69 -10.52
C ARG B 254 7.73 9.46 -11.40
N PRO B 255 7.83 9.09 -12.68
CA PRO B 255 8.64 9.95 -13.52
C PRO B 255 7.90 11.27 -13.75
N VAL B 256 8.60 12.37 -13.97
CA VAL B 256 7.89 13.62 -14.26
C VAL B 256 8.43 14.23 -15.53
N GLN B 257 7.56 14.78 -16.37
CA GLN B 257 8.00 15.31 -17.66
C GLN B 257 8.88 16.56 -17.51
N GLY B 258 8.50 17.46 -16.61
CA GLY B 258 9.29 18.65 -16.35
C GLY B 258 9.12 19.15 -14.94
N LEU B 259 8.80 20.43 -14.80
CA LEU B 259 8.46 20.96 -13.49
C LEU B 259 6.93 20.93 -13.34
N LEU B 260 6.49 20.50 -12.16
CA LEU B 260 5.09 20.59 -11.79
C LEU B 260 4.86 21.88 -11.06
N SER B 261 3.60 22.26 -10.88
CA SER B 261 3.30 23.37 -9.97
C SER B 261 3.74 22.99 -8.57
N ALA B 262 3.95 23.99 -7.74
CA ALA B 262 4.24 23.76 -6.34
C ALA B 262 3.16 22.87 -5.72
N ARG B 263 1.90 23.24 -5.98
CA ARG B 263 0.78 22.56 -5.36
C ARG B 263 0.77 21.08 -5.77
N ASP B 264 0.86 20.82 -7.06
CA ASP B 264 0.82 19.44 -7.55
C ASP B 264 1.96 18.62 -6.94
N PHE B 265 3.17 19.17 -7.02
CA PHE B 265 4.34 18.45 -6.58
C PHE B 265 4.24 18.16 -5.09
N LEU B 266 3.90 19.19 -4.32
CA LEU B 266 3.75 19.01 -2.86
C LEU B 266 2.56 18.08 -2.54
N ASN B 267 1.47 18.21 -3.28
CA ASN B 267 0.36 17.28 -3.07
C ASN B 267 0.83 15.84 -3.24
N GLY B 268 1.77 15.61 -4.17
CA GLY B 268 2.24 14.27 -4.46
C GLY B 268 2.89 13.63 -3.25
N LEU B 269 3.57 14.44 -2.43
CA LEU B 269 4.31 13.94 -1.27
C LEU B 269 3.40 13.45 -0.14
N ALA B 270 2.15 13.91 -0.12
CA ALA B 270 1.19 13.46 0.90
C ALA B 270 0.90 11.96 0.73
N PHE B 271 1.16 11.43 -0.45
CA PHE B 271 1.00 9.99 -0.69
C PHE B 271 2.36 9.27 -0.67
N ARG B 272 3.42 9.97 -0.24
CA ARG B 272 4.80 9.44 -0.31
C ARG B 272 5.13 9.08 -1.75
N VAL B 273 4.75 9.99 -2.65
CA VAL B 273 5.10 9.86 -4.05
C VAL B 273 6.01 10.99 -4.43
N PHE B 274 7.23 10.63 -4.83
CA PHE B 274 8.19 11.59 -5.32
C PHE B 274 8.22 11.63 -6.85
N HIS B 275 8.07 12.81 -7.43
CA HIS B 275 8.22 12.99 -8.88
C HIS B 275 9.66 13.26 -9.28
N ALA B 276 10.22 12.41 -10.15
CA ALA B 276 11.64 12.52 -10.51
C ALA B 276 11.88 12.58 -12.00
N THR B 277 12.74 13.52 -12.41
CA THR B 277 13.19 13.61 -13.80
C THR B 277 14.14 12.47 -14.19
N GLN B 278 14.20 12.16 -15.48
CA GLN B 278 15.03 11.05 -15.93
C GLN B 278 16.17 11.53 -16.81
N TYR B 279 16.01 12.72 -17.37
CA TYR B 279 17.09 13.31 -18.18
C TYR B 279 18.29 13.67 -17.30
N ILE B 280 19.45 13.81 -17.92
CA ILE B 280 20.64 14.24 -17.18
C ILE B 280 21.15 15.58 -17.72
N ARG B 281 21.76 16.36 -16.83
CA ARG B 281 22.33 17.67 -17.15
C ARG B 281 23.33 17.65 -18.32
N HIS B 282 23.45 18.80 -18.99
CA HIS B 282 24.42 18.98 -20.05
C HIS B 282 25.84 18.64 -19.57
N PRO B 283 26.66 18.02 -20.45
CA PRO B 283 28.04 17.62 -20.19
C PRO B 283 28.90 18.68 -19.52
N SER B 284 28.60 19.96 -19.77
CA SER B 284 29.50 21.03 -19.35
C SER B 284 29.06 21.65 -18.04
N VAL B 285 28.04 21.08 -17.40
CA VAL B 285 27.51 21.67 -16.19
C VAL B 285 27.52 20.71 -14.97
N PRO B 286 28.62 19.93 -14.79
CA PRO B 286 28.58 18.85 -13.80
C PRO B 286 28.60 19.30 -12.33
N LEU B 287 29.22 20.45 -12.05
CA LEU B 287 29.45 20.96 -10.69
C LEU B 287 28.23 21.65 -10.12
N TYR B 288 27.54 22.39 -10.97
CA TYR B 288 26.35 23.11 -10.55
C TYR B 288 25.43 23.39 -11.72
N THR B 289 24.19 22.91 -11.62
CA THR B 289 23.14 23.26 -12.55
C THR B 289 21.94 23.73 -11.72
N PRO B 290 21.26 24.81 -12.16
CA PRO B 290 20.09 25.35 -11.47
C PRO B 290 18.85 24.47 -11.59
N GLU B 291 18.86 23.53 -12.55
CA GLU B 291 17.70 22.68 -12.80
C GLU B 291 17.84 21.29 -12.17
N PRO B 292 16.71 20.70 -11.74
CA PRO B 292 16.81 19.33 -11.24
C PRO B 292 17.00 18.34 -12.39
N ASP B 293 18.02 17.47 -12.30
CA ASP B 293 18.19 16.39 -13.27
C ASP B 293 18.26 15.05 -12.51
N CYS B 294 18.57 13.97 -13.23
CA CYS B 294 18.54 12.62 -12.68
CA CYS B 294 18.51 12.63 -12.65
C CYS B 294 19.61 12.43 -11.60
N CYS B 295 20.77 13.05 -11.79
CA CYS B 295 21.85 12.99 -10.78
C CYS B 295 21.34 13.60 -9.45
N HIS B 296 20.68 14.74 -9.55
CA HIS B 296 20.07 15.39 -8.40
C HIS B 296 19.02 14.51 -7.71
N GLU B 297 18.11 13.96 -8.51
CA GLU B 297 17.11 13.04 -7.95
C GLU B 297 17.76 11.86 -7.24
N LEU B 298 18.68 11.18 -7.92
CA LEU B 298 19.14 9.86 -7.46
C LEU B 298 20.24 9.94 -6.40
N LEU B 299 21.06 10.97 -6.49
CA LEU B 299 22.20 11.10 -5.58
C LEU B 299 21.84 12.01 -4.39
N GLY B 300 20.85 12.88 -4.59
CA GLY B 300 20.42 13.81 -3.55
C GLY B 300 19.11 13.46 -2.81
N HIS B 301 18.01 13.30 -3.55
CA HIS B 301 16.69 12.98 -2.95
C HIS B 301 16.51 11.55 -2.47
N VAL B 302 16.81 10.59 -3.34
CA VAL B 302 16.59 9.16 -3.05
C VAL B 302 17.17 8.66 -1.72
N PRO B 303 18.46 8.92 -1.45
CA PRO B 303 19.02 8.33 -0.23
C PRO B 303 18.30 8.76 1.07
N LEU B 304 17.93 10.03 1.18
CA LEU B 304 17.22 10.48 2.37
C LEU B 304 15.82 9.82 2.48
N LEU B 305 15.14 9.67 1.34
CA LEU B 305 13.82 9.06 1.31
C LEU B 305 13.79 7.63 1.86
N ALA B 306 14.95 7.01 2.08
CA ALA B 306 14.97 5.68 2.67
C ALA B 306 15.12 5.72 4.19
N ASP B 307 15.21 6.93 4.73
CA ASP B 307 15.28 7.09 6.16
C ASP B 307 13.86 7.32 6.68
N PRO B 308 13.41 6.47 7.60
CA PRO B 308 12.01 6.53 8.11
C PRO B 308 11.63 7.93 8.63
N ASP B 309 12.47 8.52 9.48
CA ASP B 309 12.15 9.86 10.03
C ASP B 309 12.11 10.94 8.94
N PHE B 310 13.06 10.92 8.03
CA PHE B 310 13.01 11.87 6.91
C PHE B 310 11.74 11.61 6.07
N ALA B 311 11.45 10.33 5.84
CA ALA B 311 10.31 9.98 4.99
C ALA B 311 8.99 10.49 5.61
N ASP B 312 8.88 10.38 6.95
CA ASP B 312 7.73 10.92 7.70
C ASP B 312 7.73 12.42 7.52
N PHE B 313 8.88 13.06 7.73
CA PHE B 313 9.00 14.51 7.60
C PHE B 313 8.49 15.01 6.24
N SER B 314 9.01 14.43 5.15
CA SER B 314 8.61 14.82 3.81
C SER B 314 7.12 14.60 3.56
N GLN B 315 6.59 13.46 4.02
CA GLN B 315 5.16 13.24 3.88
C GLN B 315 4.36 14.34 4.60
N GLU B 316 4.86 14.79 5.75
CA GLU B 316 4.15 15.80 6.57
C GLU B 316 4.02 17.10 5.79
N ILE B 317 5.05 17.47 5.04
CA ILE B 317 4.97 18.68 4.25
C ILE B 317 3.89 18.56 3.17
N GLY B 318 3.82 17.39 2.56
CA GLY B 318 2.79 17.12 1.54
C GLY B 318 1.36 17.16 2.10
N LEU B 319 1.17 16.53 3.27
CA LEU B 319 -0.11 16.57 3.99
C LEU B 319 -0.54 17.99 4.34
N ALA B 320 0.39 18.81 4.79
CA ALA B 320 0.11 20.22 5.01
C ALA B 320 -0.39 20.88 3.72
N SER B 321 0.11 20.42 2.57
CA SER B 321 -0.22 21.07 1.31
C SER B 321 -1.58 20.68 0.75
N ILE B 322 -2.12 19.56 1.24
CA ILE B 322 -3.38 19.03 0.74
C ILE B 322 -4.51 20.00 1.04
N GLY B 323 -5.09 20.59 -0.01
CA GLY B 323 -6.20 21.50 0.14
C GLY B 323 -5.83 22.87 0.67
N ALA B 324 -4.54 23.13 0.84
CA ALA B 324 -4.11 24.40 1.41
C ALA B 324 -4.24 25.53 0.41
N SER B 325 -4.48 26.74 0.93
CA SER B 325 -4.59 27.92 0.10
C SER B 325 -3.30 28.21 -0.69
N ASP B 326 -3.40 29.01 -1.74
CA ASP B 326 -2.22 29.36 -2.55
C ASP B 326 -1.07 30.01 -1.77
N GLU B 327 -1.41 30.90 -0.85
CA GLU B 327 -0.34 31.56 -0.10
C GLU B 327 0.28 30.60 0.94
N ASP B 328 -0.45 29.57 1.35
CA ASP B 328 0.17 28.62 2.27
C ASP B 328 1.02 27.62 1.50
N ILE B 329 0.61 27.33 0.27
CA ILE B 329 1.41 26.52 -0.65
C ILE B 329 2.78 27.19 -0.81
N GLN B 330 2.75 28.51 -0.90
CA GLN B 330 3.96 29.28 -1.08
C GLN B 330 4.91 29.15 0.12
N LEU B 331 4.35 29.29 1.33
CA LEU B 331 5.14 29.11 2.55
C LEU B 331 5.73 27.71 2.62
N LEU B 332 4.92 26.71 2.32
CA LEU B 332 5.38 25.33 2.36
C LEU B 332 6.53 25.14 1.37
N SER B 333 6.36 25.74 0.21
CA SER B 333 7.34 25.63 -0.87
C SER B 333 8.69 26.11 -0.41
N THR B 334 8.70 27.26 0.27
CA THR B 334 9.93 27.83 0.80
C THR B 334 10.49 26.95 1.90
N CYS B 335 9.61 26.43 2.77
CA CYS B 335 10.04 25.56 3.87
C CYS B 335 10.67 24.30 3.27
N TYR B 336 10.04 23.77 2.23
CA TYR B 336 10.63 22.68 1.44
C TYR B 336 12.06 23.01 0.96
N TRP B 337 12.22 24.19 0.39
CA TRP B 337 13.52 24.60 -0.13
C TRP B 337 14.61 24.59 0.93
N PHE B 338 14.30 25.15 2.10
CA PHE B 338 15.30 25.27 3.15
C PHE B 338 15.48 23.99 3.98
N THR B 339 14.71 22.97 3.67
CA THR B 339 14.94 21.67 4.31
C THR B 339 15.30 20.58 3.30
N VAL B 340 14.29 20.01 2.63
CA VAL B 340 14.51 18.91 1.69
C VAL B 340 15.56 19.26 0.63
N GLU B 341 15.56 20.51 0.19
CA GLU B 341 16.43 20.86 -0.91
C GLU B 341 17.82 21.33 -0.43
N PHE B 342 17.86 22.17 0.61
CA PHE B 342 19.11 22.76 1.00
C PHE B 342 19.37 22.77 2.49
N GLY B 343 18.73 21.85 3.21
CA GLY B 343 18.94 21.75 4.64
C GLY B 343 20.26 21.20 5.15
N LEU B 344 20.68 21.71 6.30
CA LEU B 344 21.84 21.21 7.02
C LEU B 344 21.37 20.50 8.29
N CYS B 345 22.26 19.73 8.90
CA CYS B 345 21.97 19.08 10.16
C CYS B 345 23.11 19.33 11.13
N LYS B 346 22.84 19.16 12.42
CA LYS B 346 23.92 19.29 13.40
C LYS B 346 24.31 17.91 13.88
N GLU B 347 25.60 17.60 13.78
CA GLU B 347 26.10 16.34 14.32
C GLU B 347 27.24 16.64 15.29
N GLY B 348 26.87 16.89 16.54
CA GLY B 348 27.82 17.29 17.56
C GLY B 348 28.44 18.63 17.21
N ASP B 349 29.76 18.63 17.06
CA ASP B 349 30.53 19.86 16.88
C ASP B 349 30.43 20.39 15.44
N THR B 350 30.00 19.54 14.52
CA THR B 350 30.06 19.90 13.11
C THR B 350 28.68 20.03 12.44
N ILE B 351 28.68 20.71 11.30
CA ILE B 351 27.48 20.89 10.49
C ILE B 351 27.66 20.03 9.25
N ARG B 352 26.61 19.32 8.84
CA ARG B 352 26.68 18.46 7.66
C ARG B 352 25.43 18.68 6.79
N ALA B 353 25.48 18.20 5.56
CA ALA B 353 24.39 18.48 4.61
C ALA B 353 23.46 17.29 4.41
N TYR B 354 22.16 17.56 4.43
CA TYR B 354 21.18 16.54 4.05
C TYR B 354 20.32 17.00 2.86
N GLY B 355 20.37 18.28 2.49
CA GLY B 355 19.59 18.77 1.37
C GLY B 355 20.03 18.22 0.03
N ALA B 356 19.07 17.76 -0.77
CA ALA B 356 19.34 17.15 -2.08
C ALA B 356 20.02 18.12 -3.03
N GLY B 357 19.68 19.40 -2.95
CA GLY B 357 20.31 20.42 -3.77
C GLY B 357 21.80 20.56 -3.49
N ILE B 358 22.20 20.32 -2.25
CA ILE B 358 23.61 20.41 -1.86
C ILE B 358 24.35 19.13 -2.24
N LEU B 359 23.76 18.01 -1.83
CA LEU B 359 24.34 16.69 -2.02
C LEU B 359 24.60 16.32 -3.48
N SER B 360 23.88 16.95 -4.41
CA SER B 360 24.07 16.66 -5.83
C SER B 360 24.97 17.68 -6.52
N SER B 361 25.48 18.64 -5.77
CA SER B 361 26.31 19.69 -6.34
C SER B 361 27.65 19.89 -5.62
N THR B 362 28.71 19.26 -6.13
CA THR B 362 30.03 19.39 -5.51
C THR B 362 30.36 20.87 -5.26
N GLY B 363 29.82 21.75 -6.10
CA GLY B 363 30.01 23.19 -5.94
C GLY B 363 29.27 23.76 -4.75
N GLU B 364 28.04 23.28 -4.51
CA GLU B 364 27.26 23.70 -3.35
C GLU B 364 27.86 23.08 -2.11
N MET B 365 28.37 21.87 -2.30
CA MET B 365 28.90 21.03 -1.25
C MET B 365 30.15 21.65 -0.63
N GLU B 366 30.94 22.30 -1.48
CA GLU B 366 32.13 22.96 -0.98
C GLU B 366 31.74 24.26 -0.31
N HIS B 367 30.67 24.87 -0.79
CA HIS B 367 30.26 26.21 -0.35
C HIS B 367 29.78 26.29 1.10
N PHE B 368 28.92 25.36 1.51
CA PHE B 368 28.17 25.51 2.74
C PHE B 368 29.04 25.53 3.98
N LEU B 369 30.19 24.86 3.90
CA LEU B 369 31.07 24.69 5.04
C LEU B 369 31.90 25.96 5.32
N THR B 370 31.88 26.90 4.38
CA THR B 370 32.67 28.14 4.55
C THR B 370 31.92 29.18 5.38
N ASP B 371 32.64 30.21 5.80
CA ASP B 371 32.11 31.18 6.75
C ASP B 371 31.32 32.35 6.14
N LYS B 372 31.26 32.43 4.81
CA LYS B 372 30.51 33.51 4.17
C LYS B 372 29.04 33.12 4.10
N ALA B 373 28.79 31.82 4.20
CA ALA B 373 27.45 31.26 4.20
C ALA B 373 26.87 31.27 5.62
N LYS B 374 25.81 32.01 5.85
CA LYS B 374 25.25 32.12 7.19
C LYS B 374 24.43 30.85 7.53
N LYS B 375 24.49 30.44 8.79
CA LYS B 375 23.77 29.27 9.28
C LYS B 375 22.78 29.66 10.39
N LEU B 376 21.54 29.21 10.28
CA LEU B 376 20.53 29.47 11.30
C LEU B 376 19.89 28.17 11.80
N PRO B 377 19.37 28.19 13.04
CA PRO B 377 18.59 27.05 13.52
C PRO B 377 17.30 26.94 12.72
N PHE B 378 16.91 25.75 12.31
CA PHE B 378 15.70 25.68 11.52
C PHE B 378 14.50 26.03 12.36
N ASN B 379 13.70 26.92 11.82
CA ASN B 379 12.44 27.34 12.43
C ASN B 379 11.54 27.69 11.25
N PRO B 380 10.37 27.04 11.15
CA PRO B 380 9.59 27.29 9.92
C PRO B 380 9.03 28.71 9.83
N PHE B 381 8.68 29.31 10.97
CA PHE B 381 8.22 30.71 11.02
C PHE B 381 9.29 31.74 10.61
N ASP B 382 10.56 31.36 10.71
CA ASP B 382 11.68 32.20 10.22
C ASP B 382 11.99 31.89 8.76
N ALA B 383 12.12 30.60 8.45
CA ALA B 383 12.44 30.14 7.10
C ALA B 383 11.35 30.47 6.06
N CYS B 384 10.09 30.24 6.41
CA CYS B 384 8.97 30.29 5.45
C CYS B 384 8.91 31.57 4.64
N ASN B 385 9.41 32.65 5.24
CA ASN B 385 9.42 33.98 4.65
C ASN B 385 10.70 34.39 3.94
N THR B 386 11.72 33.54 4.02
CA THR B 386 13.05 33.93 3.54
C THR B 386 13.18 33.73 2.03
N GLU B 387 13.52 34.82 1.34
CA GLU B 387 13.86 34.75 -0.07
C GLU B 387 15.11 33.92 -0.30
N TYR B 388 15.24 33.40 -1.51
CA TYR B 388 16.40 32.58 -1.86
C TYR B 388 16.64 32.60 -3.37
N PRO B 389 17.91 32.47 -3.79
CA PRO B 389 18.24 32.39 -5.21
C PRO B 389 18.05 30.98 -5.77
N ILE B 390 17.75 30.88 -7.06
CA ILE B 390 17.63 29.55 -7.65
C ILE B 390 18.63 29.33 -8.77
N THR B 391 19.48 30.32 -9.02
CA THR B 391 20.48 30.20 -10.07
C THR B 391 21.90 30.46 -9.55
N THR B 392 22.04 30.57 -8.24
CA THR B 392 23.36 30.67 -7.61
C THR B 392 23.41 29.74 -6.41
N PHE B 393 24.57 29.68 -5.76
CA PHE B 393 24.68 28.97 -4.48
C PHE B 393 23.85 29.71 -3.41
N GLN B 394 23.37 28.98 -2.40
CA GLN B 394 22.59 29.59 -1.30
C GLN B 394 23.47 30.42 -0.38
N PRO B 395 23.04 31.66 -0.07
CA PRO B 395 23.77 32.51 0.87
C PRO B 395 23.46 32.18 2.33
N LEU B 396 22.37 31.43 2.54
CA LEU B 396 21.83 31.15 3.86
C LEU B 396 21.30 29.72 3.96
N TYR B 397 21.71 28.99 5.00
CA TYR B 397 21.20 27.66 5.23
C TYR B 397 20.56 27.56 6.61
N TYR B 398 19.60 26.64 6.72
CA TYR B 398 18.91 26.34 7.98
C TYR B 398 19.33 24.98 8.55
N VAL B 399 19.62 24.97 9.84
CA VAL B 399 20.16 23.81 10.50
C VAL B 399 19.12 23.15 11.38
N ALA B 400 18.78 21.90 11.06
CA ALA B 400 17.77 21.16 11.81
C ALA B 400 18.39 20.22 12.84
N GLU B 401 17.67 19.99 13.93
CA GLU B 401 18.16 19.13 15.00
C GLU B 401 17.96 17.64 14.70
N SER B 402 16.80 17.33 14.14
CA SER B 402 16.42 15.95 13.84
C SER B 402 15.13 15.95 13.04
N PHE B 403 15.01 14.99 12.14
CA PHE B 403 13.85 14.97 11.26
C PHE B 403 12.52 14.79 12.00
N GLN B 404 12.54 14.21 13.20
CA GLN B 404 11.29 14.02 13.89
C GLN B 404 10.86 15.37 14.40
N LYS B 405 11.83 16.13 14.89
CA LYS B 405 11.56 17.49 15.35
C LYS B 405 11.06 18.36 14.20
N ALA B 406 11.73 18.26 13.05
CA ALA B 406 11.35 19.09 11.92
C ALA B 406 9.93 18.72 11.52
N LYS B 407 9.60 17.46 11.67
CA LYS B 407 8.26 17.00 11.37
C LYS B 407 7.23 17.62 12.31
N GLU B 408 7.56 17.65 13.60
CA GLU B 408 6.65 18.19 14.59
C GLU B 408 6.42 19.65 14.32
N GLN B 409 7.52 20.38 14.10
CA GLN B 409 7.51 21.82 13.77
C GLN B 409 6.63 22.11 12.57
N MET B 410 6.78 21.33 11.50
CA MET B 410 5.97 21.53 10.31
C MET B 410 4.49 21.30 10.62
N ARG B 411 4.19 20.34 11.49
CA ARG B 411 2.81 20.04 11.87
C ARG B 411 2.24 21.20 12.71
N GLN B 412 3.05 21.69 13.64
CA GLN B 412 2.67 22.84 14.43
C GLN B 412 2.46 24.06 13.52
N PHE B 413 3.39 24.25 12.57
CA PHE B 413 3.28 25.33 11.58
C PHE B 413 1.96 25.23 10.83
N ALA B 414 1.71 24.04 10.28
CA ALA B 414 0.56 23.81 9.44
C ALA B 414 -0.74 23.88 10.19
N ASP B 415 -0.69 23.69 11.51
CA ASP B 415 -1.91 23.56 12.28
C ASP B 415 -2.85 24.74 12.12
N SER B 416 -2.29 25.92 11.85
CA SER B 416 -3.10 27.13 11.71
C SER B 416 -3.69 27.31 10.30
N PHE B 417 -3.11 26.64 9.31
CA PHE B 417 -3.59 26.67 7.92
C PHE B 417 -5.11 26.51 7.79
N LYS B 418 -5.78 27.48 7.16
CA LYS B 418 -7.24 27.40 6.99
C LYS B 418 -7.68 26.38 5.93
N LYS B 419 -8.50 25.41 6.34
CA LYS B 419 -9.07 24.44 5.44
C LYS B 419 -10.51 24.09 5.85
N PRO B 420 -11.34 23.68 4.88
CA PRO B 420 -12.69 23.24 5.22
C PRO B 420 -12.70 21.87 5.95
N PHE B 421 -11.70 21.05 5.67
CA PHE B 421 -11.61 19.69 6.19
C PHE B 421 -10.34 19.42 6.99
N SER B 422 -10.41 18.45 7.91
CA SER B 422 -9.21 17.93 8.57
C SER B 422 -8.62 16.80 7.72
N ILE B 423 -7.36 16.97 7.31
CA ILE B 423 -6.68 16.05 6.40
C ILE B 423 -5.85 15.05 7.17
N ARG B 424 -5.92 13.78 6.76
CA ARG B 424 -5.20 12.72 7.44
C ARG B 424 -4.89 11.62 6.44
N TYR B 425 -3.74 10.98 6.61
CA TYR B 425 -3.36 9.89 5.71
C TYR B 425 -3.60 8.51 6.31
N ASN B 426 -4.21 7.63 5.53
CA ASN B 426 -4.39 6.24 5.95
C ASN B 426 -3.39 5.40 5.18
N PRO B 427 -2.40 4.82 5.89
CA PRO B 427 -1.40 4.02 5.16
C PRO B 427 -2.01 2.72 4.63
N TYR B 428 -2.83 2.07 5.46
CA TYR B 428 -3.60 0.88 5.04
C TYR B 428 -4.37 1.05 3.73
N THR B 429 -4.99 2.21 3.52
CA THR B 429 -5.80 2.42 2.33
C THR B 429 -5.10 3.30 1.28
N GLN B 430 -3.92 3.80 1.62
CA GLN B 430 -3.13 4.62 0.70
C GLN B 430 -3.90 5.80 0.16
N SER B 431 -4.70 6.44 1.00
CA SER B 431 -5.44 7.58 0.50
C SER B 431 -5.71 8.62 1.60
N ILE B 432 -6.25 9.75 1.16
CA ILE B 432 -6.50 10.86 2.07
C ILE B 432 -7.87 10.73 2.74
N GLU B 433 -7.87 10.52 4.06
CA GLU B 433 -9.11 10.62 4.84
C GLU B 433 -9.42 12.08 5.11
N ILE B 434 -10.68 12.44 4.95
CA ILE B 434 -11.20 13.77 5.25
C ILE B 434 -12.08 13.70 6.49
N LEU B 435 -11.85 14.61 7.42
CA LEU B 435 -12.68 14.70 8.62
C LEU B 435 -13.19 16.13 8.77
N ASP B 436 -14.06 16.35 9.75
CA ASP B 436 -14.51 17.70 10.03
C ASP B 436 -14.16 18.07 11.46
C1 PIN C . -8.06 0.96 10.22
C2 PIN C . -6.97 -0.11 10.22
N1 PIN C . -6.05 0.08 11.34
C3 PIN C . -5.35 -1.21 11.53
C4 PIN C . -6.77 0.48 12.56
C1' PIN C . -3.03 -1.58 14.98
C2' PIN C . -4.26 -0.69 15.11
N1' PIN C . -5.15 -0.78 13.94
C3' PIN C . -5.81 0.52 13.75
C4' PIN C . -4.41 -1.15 12.72
S1 PIN C . -8.77 0.99 8.54
S1' PIN C . -2.51 -2.13 16.66
O1 PIN C . -9.99 1.93 8.46
O2 PIN C . -9.19 -0.42 8.20
O3 PIN C . -7.71 1.50 7.56
O1' PIN C . -1.09 -2.67 16.59
O2' PIN C . -3.46 -3.23 17.13
O3' PIN C . -2.58 -0.94 17.61
N1 HBI D . -8.65 -21.84 0.83
N2 HBI D . -9.26 -20.56 -0.99
C2 HBI D . -9.49 -20.97 0.26
N3 HBI D . -10.61 -20.47 0.94
C4 HBI D . -10.84 -20.90 2.25
O4 HBI D . -11.82 -20.47 2.86
C4A HBI D . -9.95 -21.81 2.83
C8A HBI D . -8.86 -22.26 2.10
N8 HBI D . -7.99 -23.18 2.69
C7 HBI D . -8.01 -23.35 4.17
C6 HBI D . -9.23 -22.98 4.75
N5 HBI D . -10.14 -22.23 4.09
C9 HBI D . -9.53 -23.39 6.06
O9 HBI D . -9.17 -24.77 6.23
C10 HBI D . -8.79 -22.57 7.14
O10 HBI D . -7.44 -23.00 7.19
C11 HBI D . -8.83 -21.08 6.83
FE FE E . -15.33 -18.97 3.43
N NLE F . -21.48 -23.99 3.63
CA NLE F . -21.38 -22.60 3.16
C NLE F . -22.38 -22.33 2.02
O NLE F . -23.39 -23.06 1.94
OXT NLE F . -22.12 -21.39 1.23
CB NLE F . -19.97 -22.24 2.72
CG NLE F . -18.93 -22.95 3.61
CD NLE F . -17.55 -22.28 3.43
CE NLE F . -16.44 -23.33 3.54
C1 PIN G . 7.54 3.90 9.44
C2 PIN G . 7.02 5.33 9.43
N1 PIN G . 5.91 5.56 10.37
C3 PIN G . 5.09 6.65 9.82
C4 PIN G . 6.48 5.95 11.67
C1' PIN G . 4.27 9.00 14.00
C2' PIN G . 3.66 8.04 12.96
N1' PIN G . 4.69 7.57 12.04
C3' PIN G . 5.41 6.43 12.62
C4' PIN G . 4.05 7.14 10.79
S1 PIN G . 8.33 3.61 7.82
S1' PIN G . 3.52 10.65 13.75
O1 PIN G . 9.45 2.58 7.97
O2 PIN G . 7.29 3.10 6.82
O3 PIN G . 8.91 4.94 7.33
O1' PIN G . 1.99 10.50 13.67
O2' PIN G . 3.87 11.50 14.97
O3' PIN G . 4.07 11.31 12.47
N1 HBI H . 8.97 19.83 -9.97
N2 HBI H . 9.72 17.98 -11.15
C2 HBI H . 9.85 18.81 -10.12
N3 HBI H . 10.88 18.62 -9.19
C4 HBI H . 11.02 19.49 -8.11
O4 HBI H . 11.94 19.33 -7.30
C4A HBI H . 10.10 20.52 -7.98
C8A HBI H . 9.09 20.67 -8.93
N8 HBI H . 8.17 21.72 -8.80
C7 HBI H . 8.09 22.45 -7.51
C6 HBI H . 9.26 22.37 -6.75
N5 HBI H . 10.19 21.41 -6.97
C9 HBI H . 9.51 23.30 -5.74
O9 HBI H . 9.26 24.63 -6.24
C10 HBI H . 8.66 23.10 -4.48
O10 HBI H . 7.34 23.57 -4.71
C11 HBI H . 8.61 21.62 -4.09
FE FE I . 15.18 18.53 -5.69
N NLE J . 22.11 22.79 -7.75
CA NLE J . 21.63 21.39 -7.84
C NLE J . 22.63 20.50 -8.63
O NLE J . 22.44 19.26 -8.58
OXT NLE J . 23.54 21.09 -9.27
CB NLE J . 20.23 21.30 -8.48
CG NLE J . 19.25 22.18 -7.67
CD NLE J . 17.86 21.52 -7.65
CE NLE J . 16.84 22.44 -6.95
#